data_8TDY
# 
_entry.id   8TDY 
# 
_audit_conform.dict_name       mmcif_pdbx.dic 
_audit_conform.dict_version    5.395 
_audit_conform.dict_location   http://mmcif.pdb.org/dictionaries/ascii/mmcif_pdbx.dic 
# 
loop_
_database_2.database_id 
_database_2.database_code 
_database_2.pdbx_database_accession 
_database_2.pdbx_DOI 
PDB   8TDY         pdb_00008tdy 10.2210/pdb8tdy/pdb 
WWPDB D_1000275652 ?            ?                   
# 
loop_
_pdbx_audit_revision_history.ordinal 
_pdbx_audit_revision_history.data_content_type 
_pdbx_audit_revision_history.major_revision 
_pdbx_audit_revision_history.minor_revision 
_pdbx_audit_revision_history.revision_date 
1 'Structure model' 1 0 2024-06-12 
2 'Structure model' 1 1 2024-06-26 
# 
_pdbx_audit_revision_details.ordinal             1 
_pdbx_audit_revision_details.revision_ordinal    1 
_pdbx_audit_revision_details.data_content_type   'Structure model' 
_pdbx_audit_revision_details.provider            repository 
_pdbx_audit_revision_details.type                'Initial release' 
_pdbx_audit_revision_details.description         ? 
_pdbx_audit_revision_details.details             ? 
# 
_pdbx_audit_revision_group.ordinal             1 
_pdbx_audit_revision_group.revision_ordinal    2 
_pdbx_audit_revision_group.data_content_type   'Structure model' 
_pdbx_audit_revision_group.group               'Database references' 
# 
loop_
_pdbx_audit_revision_category.ordinal 
_pdbx_audit_revision_category.revision_ordinal 
_pdbx_audit_revision_category.data_content_type 
_pdbx_audit_revision_category.category 
1 2 'Structure model' citation        
2 2 'Structure model' citation_author 
# 
loop_
_pdbx_audit_revision_item.ordinal 
_pdbx_audit_revision_item.revision_ordinal 
_pdbx_audit_revision_item.data_content_type 
_pdbx_audit_revision_item.item 
1 2 'Structure model' '_citation.journal_volume'          
2 2 'Structure model' '_citation.page_first'              
3 2 'Structure model' '_citation.page_last'               
4 2 'Structure model' '_citation_author.identifier_ORCID' 
# 
_pdbx_database_status.status_code                     REL 
_pdbx_database_status.status_code_sf                  REL 
_pdbx_database_status.status_code_mr                  ? 
_pdbx_database_status.entry_id                        8TDY 
_pdbx_database_status.recvd_initial_deposition_date   2023-07-05 
_pdbx_database_status.SG_entry                        N 
_pdbx_database_status.deposit_site                    RCSB 
_pdbx_database_status.process_site                    RCSB 
_pdbx_database_status.status_code_cs                  ? 
_pdbx_database_status.status_code_nmr_data            ? 
_pdbx_database_status.methods_development_category    ? 
_pdbx_database_status.pdb_format_compatible           Y 
# 
_pdbx_contact_author.id                 2 
_pdbx_contact_author.email              jwszostak@uchicago.edu 
_pdbx_contact_author.name_first         Jack 
_pdbx_contact_author.name_last          Szostak 
_pdbx_contact_author.name_mi            W. 
_pdbx_contact_author.role               'principal investigator/group leader' 
_pdbx_contact_author.identifier_ORCID   0000-0003-4131-1203 
# 
loop_
_audit_author.name 
_audit_author.pdbx_ordinal 
_audit_author.identifier_ORCID 
'Fang, Z.'      1 0000-0001-8679-6633 
'Jia, X.'       2 0000-0001-9094-9882 
'Szostak, J.W.' 3 0000-0003-4131-1203 
# 
_citation.abstract                  ? 
_citation.abstract_id_CAS           ? 
_citation.book_id_ISBN              ? 
_citation.book_publisher            ? 
_citation.book_publisher_city       ? 
_citation.book_title                ? 
_citation.coordinate_linkage        ? 
_citation.country                   US 
_citation.database_id_Medline       ? 
_citation.details                   ? 
_citation.id                        primary 
_citation.journal_abbrev            J.Am.Chem.Soc. 
_citation.journal_id_ASTM           JACSAT 
_citation.journal_id_CSD            ? 
_citation.journal_id_ISSN           1520-5126 
_citation.journal_full              ? 
_citation.journal_issue             ? 
_citation.journal_volume            146 
_citation.language                  ? 
_citation.page_first                15897 
_citation.page_last                 15907 
_citation.title                     'Diaminopurine in Nonenzymatic RNA Template Copying.' 
_citation.year                      2024 
_citation.database_id_CSD           ? 
_citation.pdbx_database_id_DOI      10.1021/jacs.4c02560 
_citation.pdbx_database_id_PubMed   38818863 
_citation.pdbx_database_id_patent   ? 
_citation.unpublished_flag          ? 
# 
loop_
_citation_author.citation_id 
_citation_author.name 
_citation_author.ordinal 
_citation_author.identifier_ORCID 
primary 'Jia, X.'       1 ? 
primary 'Fang, Z.'      2 ? 
primary 'Kim, S.C.'     3 ? 
primary 'Ding, D.'      4 ? 
primary 'Zhou, L.'      5 ? 
primary 'Szostak, J.W.' 6 ? 
# 
loop_
_entity.id 
_entity.type 
_entity.src_method 
_entity.pdbx_description 
_entity.formula_weight 
_entity.pdbx_number_of_molecules 
_entity.pdbx_ec 
_entity.pdbx_mutation 
_entity.pdbx_fragment 
_entity.details 
1 polymer     syn RNA             5098.078 1  ? ? ? ? 
2 non-polymer syn 'MAGNESIUM ION' 24.305   2  ? ? ? ? 
3 water       nat water           18.015   60 ? ? ? ? 
# 
_entity_poly.entity_id                      1 
_entity_poly.type                           polyribonucleotide 
_entity_poly.nstd_linkage                   no 
_entity_poly.nstd_monomer                   yes 
_entity_poly.pdbx_seq_one_letter_code       'AGAG(N6G)AGAUCUUCUCU' 
_entity_poly.pdbx_seq_one_letter_code_can   AGAGGAGAUCUUCUCU 
_entity_poly.pdbx_strand_id                 A 
_entity_poly.pdbx_target_identifier         ? 
# 
loop_
_pdbx_entity_nonpoly.entity_id 
_pdbx_entity_nonpoly.name 
_pdbx_entity_nonpoly.comp_id 
2 'MAGNESIUM ION' MG  
3 water           HOH 
# 
loop_
_entity_poly_seq.entity_id 
_entity_poly_seq.num 
_entity_poly_seq.mon_id 
_entity_poly_seq.hetero 
1 1  A   n 
1 2  G   n 
1 3  A   n 
1 4  G   n 
1 5  N6G n 
1 6  A   n 
1 7  G   n 
1 8  A   n 
1 9  U   n 
1 10 C   n 
1 11 U   n 
1 12 U   n 
1 13 C   n 
1 14 U   n 
1 15 C   n 
1 16 U   n 
# 
_pdbx_entity_src_syn.entity_id              1 
_pdbx_entity_src_syn.pdbx_src_id            1 
_pdbx_entity_src_syn.pdbx_alt_source_flag   sample 
_pdbx_entity_src_syn.pdbx_beg_seq_num       1 
_pdbx_entity_src_syn.pdbx_end_seq_num       16 
_pdbx_entity_src_syn.organism_scientific    'synthetic construct' 
_pdbx_entity_src_syn.organism_common_name   ? 
_pdbx_entity_src_syn.ncbi_taxonomy_id       32630 
_pdbx_entity_src_syn.details                ? 
# 
loop_
_chem_comp.id 
_chem_comp.type 
_chem_comp.mon_nstd_flag 
_chem_comp.name 
_chem_comp.pdbx_synonyms 
_chem_comp.formula 
_chem_comp.formula_weight 
A   'RNA linking' y "ADENOSINE-5'-MONOPHOSPHATE"                                                                                  
? 'C10 H14 N5 O7 P' 347.221 
C   'RNA linking' y "CYTIDINE-5'-MONOPHOSPHATE"                                                                                   
? 'C9 H14 N3 O8 P'  323.197 
G   'RNA linking' y "GUANOSINE-5'-MONOPHOSPHATE"                                                                                  
? 'C10 H14 N5 O8 P' 363.221 
HOH non-polymer   . WATER                                                                                                         
? 'H2 O'            18.015  
MG  non-polymer   . 'MAGNESIUM ION'                                                                                               
? 'Mg 2'            24.305  
N6G 'RNA linking' n '((2R,3S,4R,5S)-5-(2,6-DIAMINO-9H-PURIN-9-YL)-3,4-DIHYDROXY-TETRAHYDROFURAN-2-YL)METHYL DIHYDROGEN PHOSPHATE' 
? 'C10 H15 N6 O7 P' 362.236 
U   'RNA linking' y "URIDINE-5'-MONOPHOSPHATE"                                                                                    
? 'C9 H13 N2 O9 P'  324.181 
# 
loop_
_pdbx_poly_seq_scheme.asym_id 
_pdbx_poly_seq_scheme.entity_id 
_pdbx_poly_seq_scheme.seq_id 
_pdbx_poly_seq_scheme.mon_id 
_pdbx_poly_seq_scheme.ndb_seq_num 
_pdbx_poly_seq_scheme.pdb_seq_num 
_pdbx_poly_seq_scheme.auth_seq_num 
_pdbx_poly_seq_scheme.pdb_mon_id 
_pdbx_poly_seq_scheme.auth_mon_id 
_pdbx_poly_seq_scheme.pdb_strand_id 
_pdbx_poly_seq_scheme.pdb_ins_code 
_pdbx_poly_seq_scheme.hetero 
A 1 1  A   1  1  1  A   A   A . n 
A 1 2  G   2  2  2  G   G   A . n 
A 1 3  A   3  3  3  A   A   A . n 
A 1 4  G   4  4  4  G   G   A . n 
A 1 5  N6G 5  5  5  N6G DAP A . n 
A 1 6  A   6  6  6  A   A   A . n 
A 1 7  G   7  7  7  G   G   A . n 
A 1 8  A   8  8  8  A   A   A . n 
A 1 9  U   9  9  9  U   U   A . n 
A 1 10 C   10 10 10 C   C   A . n 
A 1 11 U   11 11 11 U   U   A . n 
A 1 12 U   12 12 12 U   U   A . n 
A 1 13 C   13 13 13 C   C   A . n 
A 1 14 U   14 14 14 U   U   A . n 
A 1 15 C   15 15 15 C   C   A . n 
A 1 16 U   16 16 16 U   U   A . n 
# 
loop_
_pdbx_nonpoly_scheme.asym_id 
_pdbx_nonpoly_scheme.entity_id 
_pdbx_nonpoly_scheme.mon_id 
_pdbx_nonpoly_scheme.ndb_seq_num 
_pdbx_nonpoly_scheme.pdb_seq_num 
_pdbx_nonpoly_scheme.auth_seq_num 
_pdbx_nonpoly_scheme.pdb_mon_id 
_pdbx_nonpoly_scheme.auth_mon_id 
_pdbx_nonpoly_scheme.pdb_strand_id 
_pdbx_nonpoly_scheme.pdb_ins_code 
B 2 MG  1  101 1  MG  MG  A . 
C 2 MG  1  102 2  MG  MG  A . 
D 3 HOH 1  201 35 HOH HOH A . 
D 3 HOH 2  202 41 HOH HOH A . 
D 3 HOH 3  203 28 HOH HOH A . 
D 3 HOH 4  204 50 HOH HOH A . 
D 3 HOH 5  205 5  HOH HOH A . 
D 3 HOH 6  206 51 HOH HOH A . 
D 3 HOH 7  207 56 HOH HOH A . 
D 3 HOH 8  208 22 HOH HOH A . 
D 3 HOH 9  209 3  HOH HOH A . 
D 3 HOH 10 210 9  HOH HOH A . 
D 3 HOH 11 211 20 HOH HOH A . 
D 3 HOH 12 212 49 HOH HOH A . 
D 3 HOH 13 213 26 HOH HOH A . 
D 3 HOH 14 214 55 HOH HOH A . 
D 3 HOH 15 215 52 HOH HOH A . 
D 3 HOH 16 216 24 HOH HOH A . 
D 3 HOH 17 217 18 HOH HOH A . 
D 3 HOH 18 218 54 HOH HOH A . 
D 3 HOH 19 219 4  HOH HOH A . 
D 3 HOH 20 220 45 HOH HOH A . 
D 3 HOH 21 221 31 HOH HOH A . 
D 3 HOH 22 222 13 HOH HOH A . 
D 3 HOH 23 223 43 HOH HOH A . 
D 3 HOH 24 224 61 HOH HOH A . 
D 3 HOH 25 225 36 HOH HOH A . 
D 3 HOH 26 226 19 HOH HOH A . 
D 3 HOH 27 227 46 HOH HOH A . 
D 3 HOH 28 228 2  HOH HOH A . 
D 3 HOH 29 229 25 HOH HOH A . 
D 3 HOH 30 230 59 HOH HOH A . 
D 3 HOH 31 231 58 HOH HOH A . 
D 3 HOH 32 232 15 HOH HOH A . 
D 3 HOH 33 233 44 HOH HOH A . 
D 3 HOH 34 234 1  HOH HOH A . 
D 3 HOH 35 235 29 HOH HOH A . 
D 3 HOH 36 236 30 HOH HOH A . 
D 3 HOH 37 237 10 HOH HOH A . 
D 3 HOH 38 238 27 HOH HOH A . 
D 3 HOH 39 239 32 HOH HOH A . 
D 3 HOH 40 240 16 HOH HOH A . 
D 3 HOH 41 241 39 HOH HOH A . 
D 3 HOH 42 242 17 HOH HOH A . 
D 3 HOH 43 243 6  HOH HOH A . 
D 3 HOH 44 244 23 HOH HOH A . 
D 3 HOH 45 245 47 HOH HOH A . 
D 3 HOH 46 246 57 HOH HOH A . 
D 3 HOH 47 247 40 HOH HOH A . 
D 3 HOH 48 248 21 HOH HOH A . 
D 3 HOH 49 249 53 HOH HOH A . 
D 3 HOH 50 250 48 HOH HOH A . 
D 3 HOH 51 251 34 HOH HOH A . 
D 3 HOH 52 252 33 HOH HOH A . 
D 3 HOH 53 253 8  HOH HOH A . 
D 3 HOH 54 254 12 HOH HOH A . 
D 3 HOH 55 255 38 HOH HOH A . 
D 3 HOH 56 256 11 HOH HOH A . 
D 3 HOH 57 257 7  HOH HOH A . 
D 3 HOH 58 258 42 HOH HOH A . 
D 3 HOH 59 259 60 HOH HOH A . 
D 3 HOH 60 260 37 HOH HOH A . 
# 
loop_
_software.citation_id 
_software.classification 
_software.compiler_name 
_software.compiler_version 
_software.contact_author 
_software.contact_author_email 
_software.date 
_software.description 
_software.dependencies 
_software.hardware 
_software.language 
_software.location 
_software.mods 
_software.name 
_software.os 
_software.os_version 
_software.type 
_software.version 
_software.pdbx_ordinal 
? refinement       ? ? ? ? ? ? ? ? ? ? ? REFMAC   ? ? ? 5.8.0267    1 
? refinement       ? ? ? ? ? ? ? ? ? ? ? PHENIX   ? ? ? 1.20.1_4487 2 
? 'data reduction' ? ? ? ? ? ? ? ? ? ? ? HKL-2000 ? ? ? .           3 
? 'data scaling'   ? ? ? ? ? ? ? ? ? ? ? HKL-2000 ? ? ? .           4 
? phasing          ? ? ? ? ? ? ? ? ? ? ? PHASER   ? ? ? .           5 
# 
_cell.angle_alpha                  90.000 
_cell.angle_alpha_esd              ? 
_cell.angle_beta                   90.000 
_cell.angle_beta_esd               ? 
_cell.angle_gamma                  120.000 
_cell.angle_gamma_esd              ? 
_cell.entry_id                     8TDY 
_cell.details                      ? 
_cell.formula_units_Z              ? 
_cell.length_a                     41.146 
_cell.length_a_esd                 ? 
_cell.length_b                     41.146 
_cell.length_b_esd                 ? 
_cell.length_c                     125.047 
_cell.length_c_esd                 ? 
_cell.volume                       183340.813 
_cell.volume_esd                   ? 
_cell.Z_PDB                        18 
_cell.reciprocal_angle_alpha       ? 
_cell.reciprocal_angle_beta        ? 
_cell.reciprocal_angle_gamma       ? 
_cell.reciprocal_angle_alpha_esd   ? 
_cell.reciprocal_angle_beta_esd    ? 
_cell.reciprocal_angle_gamma_esd   ? 
_cell.reciprocal_length_a          ? 
_cell.reciprocal_length_b          ? 
_cell.reciprocal_length_c          ? 
_cell.reciprocal_length_a_esd      ? 
_cell.reciprocal_length_b_esd      ? 
_cell.reciprocal_length_c_esd      ? 
_cell.pdbx_unique_axis             ? 
_cell.pdbx_esd_method              ? 
# 
_symmetry.entry_id                         8TDY 
_symmetry.cell_setting                     ? 
_symmetry.Int_Tables_number                155 
_symmetry.space_group_name_Hall            
;R 3 2"
;
_symmetry.space_group_name_H-M             'H 3 2' 
_symmetry.pdbx_full_space_group_name_H-M   ? 
# 
_exptl.absorpt_coefficient_mu     ? 
_exptl.absorpt_correction_T_max   ? 
_exptl.absorpt_correction_T_min   ? 
_exptl.absorpt_correction_type    ? 
_exptl.absorpt_process_details    ? 
_exptl.entry_id                   8TDY 
_exptl.crystals_number            1 
_exptl.details                    ? 
_exptl.method                     'X-RAY DIFFRACTION' 
_exptl.method_details             ? 
# 
_exptl_crystal.colour                       ? 
_exptl_crystal.density_diffrn               ? 
_exptl_crystal.density_Matthews             2.00 
_exptl_crystal.density_method               ? 
_exptl_crystal.density_percent_sol          38.44 
_exptl_crystal.description                  ? 
_exptl_crystal.F_000                        ? 
_exptl_crystal.id                           1 
_exptl_crystal.preparation                  ? 
_exptl_crystal.size_max                     ? 
_exptl_crystal.size_mid                     ? 
_exptl_crystal.size_min                     ? 
_exptl_crystal.size_rad                     ? 
_exptl_crystal.colour_lustre                ? 
_exptl_crystal.colour_modifier              ? 
_exptl_crystal.colour_primary               ? 
_exptl_crystal.density_meas                 ? 
_exptl_crystal.density_meas_esd             ? 
_exptl_crystal.density_meas_gt              ? 
_exptl_crystal.density_meas_lt              ? 
_exptl_crystal.density_meas_temp            ? 
_exptl_crystal.density_meas_temp_esd        ? 
_exptl_crystal.density_meas_temp_gt         ? 
_exptl_crystal.density_meas_temp_lt         ? 
_exptl_crystal.pdbx_crystal_image_url       ? 
_exptl_crystal.pdbx_crystal_image_format    ? 
_exptl_crystal.pdbx_mosaicity               ? 
_exptl_crystal.pdbx_mosaicity_esd           ? 
_exptl_crystal.pdbx_mosaic_method           ? 
_exptl_crystal.pdbx_mosaic_block_size       ? 
_exptl_crystal.pdbx_mosaic_block_size_esd   ? 
# 
_exptl_crystal_grow.apparatus       ? 
_exptl_crystal_grow.atmosphere      ? 
_exptl_crystal_grow.crystal_id      1 
_exptl_crystal_grow.details         ? 
_exptl_crystal_grow.method          'VAPOR DIFFUSION, SITTING DROP' 
_exptl_crystal_grow.method_ref      ? 
_exptl_crystal_grow.pH              7.0 
_exptl_crystal_grow.pressure        ? 
_exptl_crystal_grow.pressure_esd    ? 
_exptl_crystal_grow.seeding         ? 
_exptl_crystal_grow.seeding_ref     ? 
_exptl_crystal_grow.temp_details    ? 
_exptl_crystal_grow.temp_esd        ? 
_exptl_crystal_grow.time            ? 
_exptl_crystal_grow.pdbx_details    
;80 mM Strontium chloride hexahydrate, 20 mM Magnesium chloride hexahydrate, 40 mM Sodium cacodylate trihydrate pH 7.0, 20% v/v (+/-)-2-Methyl-2,4-pentanediol, 12 mM Spermine
;
_exptl_crystal_grow.pdbx_pH_range   ? 
_exptl_crystal_grow.temp            293 
# 
_diffrn.ambient_environment              ? 
_diffrn.ambient_temp                     99 
_diffrn.ambient_temp_details             ? 
_diffrn.ambient_temp_esd                 ? 
_diffrn.crystal_id                       1 
_diffrn.crystal_support                  ? 
_diffrn.crystal_treatment                ? 
_diffrn.details                          ? 
_diffrn.id                               1 
_diffrn.ambient_pressure                 ? 
_diffrn.ambient_pressure_esd             ? 
_diffrn.ambient_pressure_gt              ? 
_diffrn.ambient_pressure_lt              ? 
_diffrn.ambient_temp_gt                  ? 
_diffrn.ambient_temp_lt                  ? 
_diffrn.pdbx_serial_crystal_experiment   N 
# 
_diffrn_detector.details                      ? 
_diffrn_detector.detector                     PIXEL 
_diffrn_detector.diffrn_id                    1 
_diffrn_detector.type                         'DECTRIS PILATUS 6M' 
_diffrn_detector.area_resol_mean              ? 
_diffrn_detector.dtime                        ? 
_diffrn_detector.pdbx_frames_total            ? 
_diffrn_detector.pdbx_collection_time_total   ? 
_diffrn_detector.pdbx_collection_date         2023-03-01 
_diffrn_detector.pdbx_frequency               ? 
_diffrn_detector.id                           ? 
_diffrn_detector.number_of_axes               ? 
# 
_diffrn_radiation.collimation                      ? 
_diffrn_radiation.diffrn_id                        1 
_diffrn_radiation.filter_edge                      ? 
_diffrn_radiation.inhomogeneity                    ? 
_diffrn_radiation.monochromator                    ? 
_diffrn_radiation.polarisn_norm                    ? 
_diffrn_radiation.polarisn_ratio                   ? 
_diffrn_radiation.probe                            ? 
_diffrn_radiation.type                             ? 
_diffrn_radiation.xray_symbol                      ? 
_diffrn_radiation.wavelength_id                    1 
_diffrn_radiation.pdbx_monochromatic_or_laue_m_l   M 
_diffrn_radiation.pdbx_wavelength_list             ? 
_diffrn_radiation.pdbx_wavelength                  ? 
_diffrn_radiation.pdbx_diffrn_protocol             'SINGLE WAVELENGTH' 
_diffrn_radiation.pdbx_analyzer                    ? 
_diffrn_radiation.pdbx_scattering_type             x-ray 
# 
_diffrn_radiation_wavelength.id           1 
_diffrn_radiation_wavelength.wavelength   1.038413 
_diffrn_radiation_wavelength.wt           1.0 
# 
_diffrn_source.current                     ? 
_diffrn_source.details                     ? 
_diffrn_source.diffrn_id                   1 
_diffrn_source.power                       ? 
_diffrn_source.size                        ? 
_diffrn_source.source                      SYNCHROTRON 
_diffrn_source.target                      ? 
_diffrn_source.type                        'ALS BEAMLINE 2.0.1' 
_diffrn_source.voltage                     ? 
_diffrn_source.take-off_angle              ? 
_diffrn_source.pdbx_wavelength_list        1.038413 
_diffrn_source.pdbx_wavelength             ? 
_diffrn_source.pdbx_synchrotron_beamline   2.0.1 
_diffrn_source.pdbx_synchrotron_site       ALS 
# 
_reflns.B_iso_Wilson_estimate                          10.08 
_reflns.entry_id                                       8TDY 
_reflns.data_reduction_details                         ? 
_reflns.data_reduction_method                          ? 
_reflns.d_resolution_high                              1.65 
_reflns.d_resolution_low                               50 
_reflns.details                                        ? 
_reflns.limit_h_max                                    ? 
_reflns.limit_h_min                                    ? 
_reflns.limit_k_max                                    ? 
_reflns.limit_k_min                                    ? 
_reflns.limit_l_max                                    ? 
_reflns.limit_l_min                                    ? 
_reflns.number_all                                     ? 
_reflns.number_obs                                     5058 
_reflns.observed_criterion                             ? 
_reflns.observed_criterion_F_max                       ? 
_reflns.observed_criterion_F_min                       ? 
_reflns.observed_criterion_I_max                       ? 
_reflns.observed_criterion_I_min                       ? 
_reflns.observed_criterion_sigma_F                     ? 
_reflns.observed_criterion_sigma_I                     ? 
_reflns.percent_possible_obs                           99.6 
_reflns.R_free_details                                 ? 
_reflns.Rmerge_F_all                                   ? 
_reflns.Rmerge_F_obs                                   ? 
_reflns.Friedel_coverage                               ? 
_reflns.number_gt                                      ? 
_reflns.threshold_expression                           ? 
_reflns.pdbx_redundancy                                8.5 
_reflns.pdbx_netI_over_av_sigmaI                       ? 
_reflns.pdbx_netI_over_sigmaI                          4.2 
_reflns.pdbx_res_netI_over_av_sigmaI_2                 ? 
_reflns.pdbx_res_netI_over_sigmaI_2                    ? 
_reflns.pdbx_chi_squared                               0.951 
_reflns.pdbx_scaling_rejects                           ? 
_reflns.pdbx_d_res_high_opt                            ? 
_reflns.pdbx_d_res_low_opt                             ? 
_reflns.pdbx_d_res_opt_method                          ? 
_reflns.phase_calculation_details                      ? 
_reflns.pdbx_Rrim_I_all                                0.104 
_reflns.pdbx_Rpim_I_all                                0.035 
_reflns.pdbx_d_opt                                     ? 
_reflns.pdbx_number_measured_all                       ? 
_reflns.pdbx_diffrn_id                                 1 
_reflns.pdbx_ordinal                                   1 
_reflns.pdbx_CC_half                                   1.000 
_reflns.pdbx_CC_star                                   1.000 
_reflns.pdbx_R_split                                   ? 
_reflns.pdbx_Rmerge_I_obs                              0.097 
_reflns.pdbx_Rmerge_I_all                              ? 
_reflns.pdbx_Rsym_value                                ? 
_reflns.pdbx_CC_split_method                           ? 
_reflns.pdbx_aniso_diffraction_limit_axis_1_ortho[1]   ? 
_reflns.pdbx_aniso_diffraction_limit_axis_1_ortho[2]   ? 
_reflns.pdbx_aniso_diffraction_limit_axis_1_ortho[3]   ? 
_reflns.pdbx_aniso_diffraction_limit_axis_2_ortho[1]   ? 
_reflns.pdbx_aniso_diffraction_limit_axis_2_ortho[2]   ? 
_reflns.pdbx_aniso_diffraction_limit_axis_2_ortho[3]   ? 
_reflns.pdbx_aniso_diffraction_limit_axis_3_ortho[1]   ? 
_reflns.pdbx_aniso_diffraction_limit_axis_3_ortho[2]   ? 
_reflns.pdbx_aniso_diffraction_limit_axis_3_ortho[3]   ? 
_reflns.pdbx_aniso_diffraction_limit_1                 ? 
_reflns.pdbx_aniso_diffraction_limit_2                 ? 
_reflns.pdbx_aniso_diffraction_limit_3                 ? 
_reflns.pdbx_aniso_B_tensor_eigenvector_1_ortho[1]     ? 
_reflns.pdbx_aniso_B_tensor_eigenvector_1_ortho[2]     ? 
_reflns.pdbx_aniso_B_tensor_eigenvector_1_ortho[3]     ? 
_reflns.pdbx_aniso_B_tensor_eigenvector_2_ortho[1]     ? 
_reflns.pdbx_aniso_B_tensor_eigenvector_2_ortho[2]     ? 
_reflns.pdbx_aniso_B_tensor_eigenvector_2_ortho[3]     ? 
_reflns.pdbx_aniso_B_tensor_eigenvector_3_ortho[1]     ? 
_reflns.pdbx_aniso_B_tensor_eigenvector_3_ortho[2]     ? 
_reflns.pdbx_aniso_B_tensor_eigenvector_3_ortho[3]     ? 
_reflns.pdbx_aniso_B_tensor_eigenvalue_1               ? 
_reflns.pdbx_aniso_B_tensor_eigenvalue_2               ? 
_reflns.pdbx_aniso_B_tensor_eigenvalue_3               ? 
_reflns.pdbx_orthogonalization_convention              ? 
_reflns.pdbx_percent_possible_ellipsoidal              ? 
_reflns.pdbx_percent_possible_spherical                ? 
_reflns.pdbx_percent_possible_ellipsoidal_anomalous    ? 
_reflns.pdbx_percent_possible_spherical_anomalous      ? 
_reflns.pdbx_redundancy_anomalous                      ? 
_reflns.pdbx_CC_half_anomalous                         ? 
_reflns.pdbx_absDiff_over_sigma_anomalous              ? 
_reflns.pdbx_percent_possible_anomalous                ? 
_reflns.pdbx_observed_signal_threshold                 ? 
_reflns.pdbx_signal_type                               ? 
_reflns.pdbx_signal_details                            ? 
_reflns.pdbx_signal_software_id                        ? 
# 
_reflns_shell.d_res_high                                    1.65 
_reflns_shell.d_res_low                                     1.71 
_reflns_shell.meanI_over_sigI_all                           ? 
_reflns_shell.meanI_over_sigI_obs                           4.2 
_reflns_shell.number_measured_all                           ? 
_reflns_shell.number_measured_obs                           ? 
_reflns_shell.number_possible                               ? 
_reflns_shell.number_unique_all                             ? 
_reflns_shell.number_unique_obs                             483 
_reflns_shell.percent_possible_obs                          ? 
_reflns_shell.Rmerge_F_all                                  ? 
_reflns_shell.Rmerge_F_obs                                  ? 
_reflns_shell.meanI_over_sigI_gt                            ? 
_reflns_shell.meanI_over_uI_all                             ? 
_reflns_shell.meanI_over_uI_gt                              ? 
_reflns_shell.number_measured_gt                            ? 
_reflns_shell.number_unique_gt                              ? 
_reflns_shell.percent_possible_gt                           ? 
_reflns_shell.Rmerge_F_gt                                   ? 
_reflns_shell.Rmerge_I_gt                                   ? 
_reflns_shell.pdbx_redundancy                               6.1 
_reflns_shell.pdbx_chi_squared                              1.021 
_reflns_shell.pdbx_netI_over_sigmaI_all                     ? 
_reflns_shell.pdbx_netI_over_sigmaI_obs                     ? 
_reflns_shell.pdbx_Rrim_I_all                               0.569 
_reflns_shell.pdbx_Rpim_I_all                               0.225 
_reflns_shell.pdbx_rejects                                  ? 
_reflns_shell.pdbx_ordinal                                  1 
_reflns_shell.pdbx_diffrn_id                                1 
_reflns_shell.pdbx_CC_half                                  0.902 
_reflns_shell.pdbx_CC_star                                  0.974 
_reflns_shell.pdbx_R_split                                  ? 
_reflns_shell.percent_possible_all                          99.2 
_reflns_shell.Rmerge_I_all                                  ? 
_reflns_shell.Rmerge_I_obs                                  0.520 
_reflns_shell.pdbx_Rsym_value                               ? 
_reflns_shell.pdbx_percent_possible_ellipsoidal             ? 
_reflns_shell.pdbx_percent_possible_spherical               ? 
_reflns_shell.pdbx_percent_possible_ellipsoidal_anomalous   ? 
_reflns_shell.pdbx_percent_possible_spherical_anomalous     ? 
_reflns_shell.pdbx_redundancy_anomalous                     ? 
_reflns_shell.pdbx_CC_half_anomalous                        ? 
_reflns_shell.pdbx_absDiff_over_sigma_anomalous             ? 
_reflns_shell.pdbx_percent_possible_anomalous               ? 
# 
_refine.aniso_B[1][1]                            ? 
_refine.aniso_B[1][2]                            ? 
_refine.aniso_B[1][3]                            ? 
_refine.aniso_B[2][2]                            ? 
_refine.aniso_B[2][3]                            ? 
_refine.aniso_B[3][3]                            ? 
_refine.B_iso_max                                ? 
_refine.B_iso_mean                               13.06 
_refine.B_iso_min                                ? 
_refine.correlation_coeff_Fo_to_Fc               ? 
_refine.correlation_coeff_Fo_to_Fc_free          ? 
_refine.details                                  ? 
_refine.diff_density_max                         ? 
_refine.diff_density_max_esd                     ? 
_refine.diff_density_min                         ? 
_refine.diff_density_min_esd                     ? 
_refine.diff_density_rms                         ? 
_refine.diff_density_rms_esd                     ? 
_refine.entry_id                                 8TDY 
_refine.pdbx_refine_id                           'X-RAY DIFFRACTION' 
_refine.ls_abs_structure_details                 ? 
_refine.ls_abs_structure_Flack                   ? 
_refine.ls_abs_structure_Flack_esd               ? 
_refine.ls_abs_structure_Rogers                  ? 
_refine.ls_abs_structure_Rogers_esd              ? 
_refine.ls_d_res_high                            1.66 
_refine.ls_d_res_low                             41.68 
_refine.ls_extinction_coef                       ? 
_refine.ls_extinction_coef_esd                   ? 
_refine.ls_extinction_expression                 ? 
_refine.ls_extinction_method                     ? 
_refine.ls_goodness_of_fit_all                   ? 
_refine.ls_goodness_of_fit_all_esd               ? 
_refine.ls_goodness_of_fit_obs                   ? 
_refine.ls_goodness_of_fit_obs_esd               ? 
_refine.ls_hydrogen_treatment                    ? 
_refine.ls_matrix_type                           ? 
_refine.ls_number_constraints                    ? 
_refine.ls_number_parameters                     ? 
_refine.ls_number_reflns_all                     ? 
_refine.ls_number_reflns_obs                     4946 
_refine.ls_number_reflns_R_free                  235 
_refine.ls_number_reflns_R_work                  4711 
_refine.ls_number_restraints                     ? 
_refine.ls_percent_reflns_obs                    96.85 
_refine.ls_percent_reflns_R_free                 4.75 
_refine.ls_R_factor_all                          ? 
_refine.ls_R_factor_obs                          0.1975 
_refine.ls_R_factor_R_free                       0.2238 
_refine.ls_R_factor_R_free_error                 ? 
_refine.ls_R_factor_R_free_error_details         ? 
_refine.ls_R_factor_R_work                       0.1962 
_refine.ls_R_Fsqd_factor_obs                     ? 
_refine.ls_R_I_factor_obs                        ? 
_refine.ls_redundancy_reflns_all                 ? 
_refine.ls_redundancy_reflns_obs                 ? 
_refine.ls_restrained_S_all                      ? 
_refine.ls_restrained_S_obs                      ? 
_refine.ls_shift_over_esd_max                    ? 
_refine.ls_shift_over_esd_mean                   ? 
_refine.ls_structure_factor_coef                 ? 
_refine.ls_weighting_details                     ? 
_refine.ls_weighting_scheme                      ? 
_refine.ls_wR_factor_all                         ? 
_refine.ls_wR_factor_obs                         ? 
_refine.ls_wR_factor_R_free                      ? 
_refine.ls_wR_factor_R_work                      ? 
_refine.occupancy_max                            ? 
_refine.occupancy_min                            ? 
_refine.solvent_model_details                    'FLAT BULK SOLVENT MODEL' 
_refine.solvent_model_param_bsol                 ? 
_refine.solvent_model_param_ksol                 ? 
_refine.pdbx_R_complete                          ? 
_refine.ls_R_factor_gt                           ? 
_refine.ls_goodness_of_fit_gt                    ? 
_refine.ls_goodness_of_fit_ref                   ? 
_refine.ls_shift_over_su_max                     ? 
_refine.ls_shift_over_su_max_lt                  ? 
_refine.ls_shift_over_su_mean                    ? 
_refine.ls_shift_over_su_mean_lt                 ? 
_refine.pdbx_ls_sigma_I                          ? 
_refine.pdbx_ls_sigma_F                          1.38 
_refine.pdbx_ls_sigma_Fsqd                       ? 
_refine.pdbx_data_cutoff_high_absF               ? 
_refine.pdbx_data_cutoff_high_rms_absF           ? 
_refine.pdbx_data_cutoff_low_absF                ? 
_refine.pdbx_isotropic_thermal_model             ? 
_refine.pdbx_ls_cross_valid_method               'FREE R-VALUE' 
_refine.pdbx_method_to_determine_struct          'MOLECULAR REPLACEMENT' 
_refine.pdbx_starting_model                      ? 
_refine.pdbx_stereochemistry_target_values       'GeoStd + Monomer Library + CDL v1.2' 
_refine.pdbx_R_Free_selection_details            ? 
_refine.pdbx_stereochem_target_val_spec_case     ? 
_refine.pdbx_overall_ESU_R                       ? 
_refine.pdbx_overall_ESU_R_Free                  ? 
_refine.pdbx_solvent_vdw_probe_radii             1.1000 
_refine.pdbx_solvent_ion_probe_radii             ? 
_refine.pdbx_solvent_shrinkage_radii             0.9000 
_refine.pdbx_real_space_R                        ? 
_refine.pdbx_density_correlation                 ? 
_refine.pdbx_pd_number_of_powder_patterns        ? 
_refine.pdbx_pd_number_of_points                 ? 
_refine.pdbx_pd_meas_number_of_points            ? 
_refine.pdbx_pd_proc_ls_prof_R_factor            ? 
_refine.pdbx_pd_proc_ls_prof_wR_factor           ? 
_refine.pdbx_pd_Marquardt_correlation_coeff      ? 
_refine.pdbx_pd_Fsqrd_R_factor                   ? 
_refine.pdbx_pd_ls_matrix_band_width             ? 
_refine.pdbx_overall_phase_error                 18.6202 
_refine.pdbx_overall_SU_R_free_Cruickshank_DPI   ? 
_refine.pdbx_overall_SU_R_free_Blow_DPI          ? 
_refine.pdbx_overall_SU_R_Blow_DPI               ? 
_refine.pdbx_TLS_residual_ADP_flag               ? 
_refine.pdbx_diffrn_id                           1 
_refine.overall_SU_B                             ? 
_refine.overall_SU_ML                            0.1547 
_refine.overall_SU_R_Cruickshank_DPI             ? 
_refine.overall_SU_R_free                        ? 
_refine.overall_FOM_free_R_set                   ? 
_refine.overall_FOM_work_R_set                   ? 
_refine.pdbx_average_fsc_overall                 ? 
_refine.pdbx_average_fsc_work                    ? 
_refine.pdbx_average_fsc_free                    ? 
# 
_refine_hist.pdbx_refine_id                   'X-RAY DIFFRACTION' 
_refine_hist.cycle_id                         LAST 
_refine_hist.details                          ? 
_refine_hist.d_res_high                       1.66 
_refine_hist.d_res_low                        41.68 
_refine_hist.number_atoms_solvent             60 
_refine_hist.number_atoms_total               399 
_refine_hist.number_reflns_all                ? 
_refine_hist.number_reflns_obs                ? 
_refine_hist.number_reflns_R_free             ? 
_refine_hist.number_reflns_R_work             ? 
_refine_hist.R_factor_all                     ? 
_refine_hist.R_factor_obs                     ? 
_refine_hist.R_factor_R_free                  ? 
_refine_hist.R_factor_R_work                  ? 
_refine_hist.pdbx_number_residues_total       ? 
_refine_hist.pdbx_B_iso_mean_ligand           ? 
_refine_hist.pdbx_B_iso_mean_solvent          ? 
_refine_hist.pdbx_number_atoms_protein        0 
_refine_hist.pdbx_number_atoms_nucleic_acid   337 
_refine_hist.pdbx_number_atoms_ligand         2 
_refine_hist.pdbx_number_atoms_lipid          ? 
_refine_hist.pdbx_number_atoms_carb           ? 
_refine_hist.pdbx_pseudo_atom_details         ? 
# 
loop_
_refine_ls_restr.pdbx_refine_id 
_refine_ls_restr.criterion 
_refine_ls_restr.dev_ideal 
_refine_ls_restr.dev_ideal_target 
_refine_ls_restr.number 
_refine_ls_restr.rejects 
_refine_ls_restr.type 
_refine_ls_restr.weight 
_refine_ls_restr.pdbx_restraint_function 
'X-RAY DIFFRACTION' ? 0.0049 ? 376 ? f_bond_d           ? ? 
'X-RAY DIFFRACTION' ? 0.9549 ? 584 ? f_angle_d          ? ? 
'X-RAY DIFFRACTION' ? 0.0421 ? 78  ? f_chiral_restr     ? ? 
'X-RAY DIFFRACTION' ? 0.0091 ? 16  ? f_plane_restr      ? ? 
'X-RAY DIFFRACTION' ? 5.6062 ? 180 ? f_dihedral_angle_d ? ? 
# 
loop_
_refine_ls_shell.pdbx_refine_id 
_refine_ls_shell.d_res_high 
_refine_ls_shell.d_res_low 
_refine_ls_shell.number_reflns_all 
_refine_ls_shell.number_reflns_obs 
_refine_ls_shell.number_reflns_R_free 
_refine_ls_shell.number_reflns_R_work 
_refine_ls_shell.percent_reflns_obs 
_refine_ls_shell.percent_reflns_R_free 
_refine_ls_shell.R_factor_all 
_refine_ls_shell.R_factor_obs 
_refine_ls_shell.R_factor_R_free_error 
_refine_ls_shell.R_factor_R_work 
_refine_ls_shell.redundancy_reflns_all 
_refine_ls_shell.redundancy_reflns_obs 
_refine_ls_shell.wR_factor_all 
_refine_ls_shell.wR_factor_obs 
_refine_ls_shell.wR_factor_R_free 
_refine_ls_shell.wR_factor_R_work 
_refine_ls_shell.pdbx_R_complete 
_refine_ls_shell.pdbx_total_number_of_bins_used 
_refine_ls_shell.pdbx_phase_error 
_refine_ls_shell.pdbx_fsc_work 
_refine_ls_shell.pdbx_fsc_free 
_refine_ls_shell.R_factor_R_free 
'X-RAY DIFFRACTION' 1.66 1.72  . . 16 383 79  . . . . 0.2283 . . . . . . . . . . . 0.2676 
'X-RAY DIFFRACTION' 1.72 1.79  . . 29 444 95  . . . . 0.2004 . . . . . . . . . . . 0.2466 
'X-RAY DIFFRACTION' 1.79 1.87  . . 22 477 99  . . . . 0.2038 . . . . . . . . . . . 0.2076 
'X-RAY DIFFRACTION' 1.87 1.97  . . 26 463 99  . . . . 0.2100 . . . . . . . . . . . 0.2849 
'X-RAY DIFFRACTION' 1.97 2.09  . . 24 483 100 . . . . 0.2149 . . . . . . . . . . . 0.2533 
'X-RAY DIFFRACTION' 2.09 2.25  . . 21 471 100 . . . . 0.2129 . . . . . . . . . . . 0.2881 
'X-RAY DIFFRACTION' 2.25 2.48  . . 30 480 100 . . . . 0.2218 . . . . . . . . . . . 0.3298 
'X-RAY DIFFRACTION' 2.48 2.84  . . 20 495 100 . . . . 0.2176 . . . . . . . . . . . 0.1637 
'X-RAY DIFFRACTION' 2.84 3.57  . . 23 484 97  . . . . 0.1876 . . . . . . . . . . . 0.1687 
'X-RAY DIFFRACTION' 3.58 41.68 . . 24 531 98  . . . . 0.1579 . . . . . . . . . . . 0.1737 
# 
_struct.entry_id                     8TDY 
_struct.title                        '16mer self-complementary duplex RNA with D:U pair sequence 1' 
_struct.pdbx_model_details           ? 
_struct.pdbx_formula_weight          ? 
_struct.pdbx_formula_weight_method   ? 
_struct.pdbx_model_type_details      ? 
_struct.pdbx_CASP_flag               N 
# 
_struct_keywords.entry_id        8TDY 
_struct_keywords.text            'Diaminopurine, RNA, Non-canonical base pair' 
_struct_keywords.pdbx_keywords   RNA 
# 
loop_
_struct_asym.id 
_struct_asym.pdbx_blank_PDB_chainid_flag 
_struct_asym.pdbx_modified 
_struct_asym.entity_id 
_struct_asym.details 
A N N 1 ? 
B N N 2 ? 
C N N 2 ? 
D N N 3 ? 
# 
_struct_ref.id                         1 
_struct_ref.db_name                    PDB 
_struct_ref.db_code                    8TDY 
_struct_ref.pdbx_db_accession          8TDY 
_struct_ref.pdbx_db_isoform            ? 
_struct_ref.entity_id                  1 
_struct_ref.pdbx_seq_one_letter_code   ? 
_struct_ref.pdbx_align_begin           1 
# 
_struct_ref_seq.align_id                      1 
_struct_ref_seq.ref_id                        1 
_struct_ref_seq.pdbx_PDB_id_code              8TDY 
_struct_ref_seq.pdbx_strand_id                A 
_struct_ref_seq.seq_align_beg                 1 
_struct_ref_seq.pdbx_seq_align_beg_ins_code   ? 
_struct_ref_seq.seq_align_end                 16 
_struct_ref_seq.pdbx_seq_align_end_ins_code   ? 
_struct_ref_seq.pdbx_db_accession             8TDY 
_struct_ref_seq.db_align_beg                  1 
_struct_ref_seq.pdbx_db_align_beg_ins_code    ? 
_struct_ref_seq.db_align_end                  16 
_struct_ref_seq.pdbx_db_align_end_ins_code    ? 
_struct_ref_seq.pdbx_auth_seq_align_beg       1 
_struct_ref_seq.pdbx_auth_seq_align_end       16 
# 
_pdbx_struct_assembly.id                   1 
_pdbx_struct_assembly.details              author_and_software_defined_assembly 
_pdbx_struct_assembly.method_details       PISA 
_pdbx_struct_assembly.oligomeric_details   dimeric 
_pdbx_struct_assembly.oligomeric_count     2 
# 
loop_
_pdbx_struct_assembly_prop.biol_id 
_pdbx_struct_assembly_prop.type 
_pdbx_struct_assembly_prop.value 
_pdbx_struct_assembly_prop.details 
1 'ABSA (A^2)' 3190 ? 
1 MORE         -26  ? 
1 'SSA (A^2)'  5580 ? 
# 
_pdbx_struct_assembly_gen.assembly_id       1 
_pdbx_struct_assembly_gen.oper_expression   1,2 
_pdbx_struct_assembly_gen.asym_id_list      A,B,C,D 
# 
loop_
_pdbx_struct_oper_list.id 
_pdbx_struct_oper_list.type 
_pdbx_struct_oper_list.name 
_pdbx_struct_oper_list.symmetry_operation 
_pdbx_struct_oper_list.matrix[1][1] 
_pdbx_struct_oper_list.matrix[1][2] 
_pdbx_struct_oper_list.matrix[1][3] 
_pdbx_struct_oper_list.vector[1] 
_pdbx_struct_oper_list.matrix[2][1] 
_pdbx_struct_oper_list.matrix[2][2] 
_pdbx_struct_oper_list.matrix[2][3] 
_pdbx_struct_oper_list.vector[2] 
_pdbx_struct_oper_list.matrix[3][1] 
_pdbx_struct_oper_list.matrix[3][2] 
_pdbx_struct_oper_list.matrix[3][3] 
_pdbx_struct_oper_list.vector[3] 
1 'identity operation'         1_555 x,y,z  1.0000000000  0.0000000000 0.0000000000 0.0000000000  0.0000000000 1.0000000000  0.0000000000 0.0000000000 0.0000000000 0.0000000000 1.0000000000  0.0000000000  
2 'crystal symmetry operation' 4_555 y,x,-z -0.2917255768 0.6068688241 0.7393283561 -0.4372805260 0.6068688241 -0.4800182562 0.6334766799 2.3186357856 0.7393283561 0.6334766799 -0.2282561671 -1.4843109304 
# 
loop_
_struct_conn.id 
_struct_conn.conn_type_id 
_struct_conn.pdbx_leaving_atom_flag 
_struct_conn.pdbx_PDB_id 
_struct_conn.ptnr1_label_asym_id 
_struct_conn.ptnr1_label_comp_id 
_struct_conn.ptnr1_label_seq_id 
_struct_conn.ptnr1_label_atom_id 
_struct_conn.pdbx_ptnr1_label_alt_id 
_struct_conn.pdbx_ptnr1_PDB_ins_code 
_struct_conn.pdbx_ptnr1_standard_comp_id 
_struct_conn.ptnr1_symmetry 
_struct_conn.ptnr2_label_asym_id 
_struct_conn.ptnr2_label_comp_id 
_struct_conn.ptnr2_label_seq_id 
_struct_conn.ptnr2_label_atom_id 
_struct_conn.pdbx_ptnr2_label_alt_id 
_struct_conn.pdbx_ptnr2_PDB_ins_code 
_struct_conn.ptnr1_auth_asym_id 
_struct_conn.ptnr1_auth_comp_id 
_struct_conn.ptnr1_auth_seq_id 
_struct_conn.ptnr2_auth_asym_id 
_struct_conn.ptnr2_auth_comp_id 
_struct_conn.ptnr2_auth_seq_id 
_struct_conn.ptnr2_symmetry 
_struct_conn.pdbx_ptnr3_label_atom_id 
_struct_conn.pdbx_ptnr3_label_seq_id 
_struct_conn.pdbx_ptnr3_label_comp_id 
_struct_conn.pdbx_ptnr3_label_asym_id 
_struct_conn.pdbx_ptnr3_label_alt_id 
_struct_conn.pdbx_ptnr3_PDB_ins_code 
_struct_conn.details 
_struct_conn.pdbx_dist_value 
_struct_conn.pdbx_value_order 
_struct_conn.pdbx_role 
covale1  covale both ? A G   4  "O3'" ? ? ? 1_555 A N6G 5  P  ? ? A G   4   A N6G 5   1_555 ? ? ? ? ? ? ?               1.603 ? ? 
covale2  covale both ? A N6G 5  "O3'" ? ? ? 1_555 A A   6  P  ? ? A N6G 5   A A   6   1_555 ? ? ? ? ? ? ?               1.608 ? ? 
metalc1  metalc ?    ? B MG  .  MG    ? ? ? 1_555 D HOH .  O  ? ? A MG  101 A HOH 204 1_555 ? ? ? ? ? ? ?               2.536 ? ? 
metalc2  metalc ?    ? B MG  .  MG    ? ? ? 1_555 D HOH .  O  ? ? A MG  101 A HOH 210 1_555 ? ? ? ? ? ? ?               2.616 ? ? 
metalc3  metalc ?    ? B MG  .  MG    ? ? ? 1_555 D HOH .  O  ? ? A MG  101 A HOH 215 1_555 ? ? ? ? ? ? ?               2.595 ? ? 
metalc4  metalc ?    ? B MG  .  MG    ? ? ? 1_555 D HOH .  O  ? ? A MG  101 A HOH 243 1_555 ? ? ? ? ? ? ?               1.716 ? ? 
metalc5  metalc ?    ? B MG  .  MG    ? ? ? 1_555 D HOH .  O  ? ? A MG  101 A HOH 253 1_555 ? ? ? ? ? ? ?               2.467 ? ? 
metalc6  metalc ?    ? B MG  .  MG    ? ? ? 1_555 D HOH .  O  ? ? A MG  101 A HOH 257 1_555 ? ? ? ? ? ? ?               2.090 ? ? 
metalc7  metalc ?    ? C MG  .  MG    ? ? ? 1_555 D HOH .  O  ? ? A MG  102 A HOH 222 1_555 ? ? ? ? ? ? ?               2.433 ? ? 
metalc8  metalc ?    ? C MG  .  MG    ? ? ? 1_555 D HOH .  O  ? ? A MG  102 A HOH 246 1_555 ? ? ? ? ? ? ?               2.539 ? ? 
metalc9  metalc ?    ? C MG  .  MG    ? ? ? 1_555 D HOH .  O  ? ? A MG  102 A HOH 251 1_555 ? ? ? ? ? ? ?               2.472 ? ? 
metalc10 metalc ?    ? C MG  .  MG    ? ? ? 1_555 D HOH .  O  ? ? A MG  102 A HOH 254 1_555 ? ? ? ? ? ? ?               2.472 ? ? 
metalc11 metalc ?    ? C MG  .  MG    ? ? ? 1_555 D HOH .  O  ? ? A MG  102 A HOH 256 1_555 ? ? ? ? ? ? ?               2.123 ? ? 
hydrog1  hydrog ?    ? A A   1  N1    ? ? ? 1_555 A U   16 N3 ? ? A A   1   A U   16  4_555 ? ? ? ? ? ? WATSON-CRICK    ?     ? ? 
hydrog2  hydrog ?    ? A A   1  N6    ? ? ? 1_555 A U   16 O4 ? ? A A   1   A U   16  4_555 ? ? ? ? ? ? WATSON-CRICK    ?     ? ? 
hydrog3  hydrog ?    ? A G   2  N1    ? ? ? 1_555 A C   15 N3 ? ? A G   2   A C   15  4_555 ? ? ? ? ? ? WATSON-CRICK    ?     ? ? 
hydrog4  hydrog ?    ? A G   2  N2    ? ? ? 1_555 A C   15 O2 ? ? A G   2   A C   15  4_555 ? ? ? ? ? ? WATSON-CRICK    ?     ? ? 
hydrog5  hydrog ?    ? A G   2  O6    ? ? ? 1_555 A C   15 N4 ? ? A G   2   A C   15  4_555 ? ? ? ? ? ? WATSON-CRICK    ?     ? ? 
hydrog6  hydrog ?    ? A A   3  N1    ? ? ? 1_555 A U   14 N3 ? ? A A   3   A U   14  4_555 ? ? ? ? ? ? WATSON-CRICK    ?     ? ? 
hydrog7  hydrog ?    ? A A   3  N6    ? ? ? 1_555 A U   14 O4 ? ? A A   3   A U   14  4_555 ? ? ? ? ? ? WATSON-CRICK    ?     ? ? 
hydrog8  hydrog ?    ? A G   4  N1    ? ? ? 1_555 A C   13 N3 ? ? A G   4   A C   13  4_555 ? ? ? ? ? ? WATSON-CRICK    ?     ? ? 
hydrog9  hydrog ?    ? A G   4  N2    ? ? ? 1_555 A C   13 O2 ? ? A G   4   A C   13  4_555 ? ? ? ? ? ? WATSON-CRICK    ?     ? ? 
hydrog10 hydrog ?    ? A G   4  O6    ? ? ? 1_555 A C   13 N4 ? ? A G   4   A C   13  4_555 ? ? ? ? ? ? WATSON-CRICK    ?     ? ? 
hydrog11 hydrog ?    ? A N6G 5  N2    ? ? ? 1_555 A U   12 O2 ? ? A N6G 5   A U   12  4_555 ? ? ? ? ? ? 'N6G-U MISPAIR' ?     ? ? 
hydrog12 hydrog ?    ? A A   6  N1    ? ? ? 1_555 A U   11 N3 ? ? A A   6   A U   11  4_555 ? ? ? ? ? ? WATSON-CRICK    ?     ? ? 
hydrog13 hydrog ?    ? A A   6  N6    ? ? ? 1_555 A U   11 O4 ? ? A A   6   A U   11  4_555 ? ? ? ? ? ? WATSON-CRICK    ?     ? ? 
hydrog14 hydrog ?    ? A G   7  N1    ? ? ? 1_555 A C   10 N3 ? ? A G   7   A C   10  4_555 ? ? ? ? ? ? WATSON-CRICK    ?     ? ? 
hydrog15 hydrog ?    ? A G   7  N2    ? ? ? 1_555 A C   10 O2 ? ? A G   7   A C   10  4_555 ? ? ? ? ? ? WATSON-CRICK    ?     ? ? 
hydrog16 hydrog ?    ? A G   7  O6    ? ? ? 1_555 A C   10 N4 ? ? A G   7   A C   10  4_555 ? ? ? ? ? ? WATSON-CRICK    ?     ? ? 
hydrog17 hydrog ?    ? A A   8  N1    ? ? ? 1_555 A U   9  N3 ? ? A A   8   A U   9   4_555 ? ? ? ? ? ? WATSON-CRICK    ?     ? ? 
hydrog18 hydrog ?    ? A A   8  N6    ? ? ? 1_555 A U   9  O4 ? ? A A   8   A U   9   4_555 ? ? ? ? ? ? WATSON-CRICK    ?     ? ? 
hydrog19 hydrog ?    ? A U   9  N3    ? ? ? 1_555 A A   8  N1 ? ? A U   9   A A   8   4_555 ? ? ? ? ? ? WATSON-CRICK    ?     ? ? 
hydrog20 hydrog ?    ? A U   9  O4    ? ? ? 1_555 A A   8  N6 ? ? A U   9   A A   8   4_555 ? ? ? ? ? ? WATSON-CRICK    ?     ? ? 
hydrog21 hydrog ?    ? A C   10 N3    ? ? ? 1_555 A G   7  N1 ? ? A C   10  A G   7   4_555 ? ? ? ? ? ? WATSON-CRICK    ?     ? ? 
hydrog22 hydrog ?    ? A C   10 N4    ? ? ? 1_555 A G   7  O6 ? ? A C   10  A G   7   4_555 ? ? ? ? ? ? WATSON-CRICK    ?     ? ? 
hydrog23 hydrog ?    ? A C   10 O2    ? ? ? 1_555 A G   7  N2 ? ? A C   10  A G   7   4_555 ? ? ? ? ? ? WATSON-CRICK    ?     ? ? 
hydrog24 hydrog ?    ? A U   11 N3    ? ? ? 1_555 A A   6  N1 ? ? A U   11  A A   6   4_555 ? ? ? ? ? ? WATSON-CRICK    ?     ? ? 
hydrog25 hydrog ?    ? A U   11 O4    ? ? ? 1_555 A A   6  N6 ? ? A U   11  A A   6   4_555 ? ? ? ? ? ? WATSON-CRICK    ?     ? ? 
hydrog26 hydrog ?    ? A U   12 O2    ? ? ? 1_555 A N6G 5  N2 ? ? A U   12  A N6G 5   4_555 ? ? ? ? ? ? 'U-N6G MISPAIR' ?     ? ? 
hydrog27 hydrog ?    ? A C   13 N3    ? ? ? 1_555 A G   4  N1 ? ? A C   13  A G   4   4_555 ? ? ? ? ? ? WATSON-CRICK    ?     ? ? 
hydrog28 hydrog ?    ? A C   13 N4    ? ? ? 1_555 A G   4  O6 ? ? A C   13  A G   4   4_555 ? ? ? ? ? ? WATSON-CRICK    ?     ? ? 
hydrog29 hydrog ?    ? A C   13 O2    ? ? ? 1_555 A G   4  N2 ? ? A C   13  A G   4   4_555 ? ? ? ? ? ? WATSON-CRICK    ?     ? ? 
hydrog30 hydrog ?    ? A U   14 N3    ? ? ? 1_555 A A   3  N1 ? ? A U   14  A A   3   4_555 ? ? ? ? ? ? WATSON-CRICK    ?     ? ? 
hydrog31 hydrog ?    ? A U   14 O4    ? ? ? 1_555 A A   3  N6 ? ? A U   14  A A   3   4_555 ? ? ? ? ? ? WATSON-CRICK    ?     ? ? 
hydrog32 hydrog ?    ? A C   15 N3    ? ? ? 1_555 A G   2  N1 ? ? A C   15  A G   2   4_555 ? ? ? ? ? ? WATSON-CRICK    ?     ? ? 
hydrog33 hydrog ?    ? A C   15 N4    ? ? ? 1_555 A G   2  O6 ? ? A C   15  A G   2   4_555 ? ? ? ? ? ? WATSON-CRICK    ?     ? ? 
hydrog34 hydrog ?    ? A C   15 O2    ? ? ? 1_555 A G   2  N2 ? ? A C   15  A G   2   4_555 ? ? ? ? ? ? WATSON-CRICK    ?     ? ? 
hydrog35 hydrog ?    ? A U   16 N3    ? ? ? 1_555 A A   1  N1 ? ? A U   16  A A   1   4_555 ? ? ? ? ? ? WATSON-CRICK    ?     ? ? 
hydrog36 hydrog ?    ? A U   16 O4    ? ? ? 1_555 A A   1  N6 ? ? A U   16  A A   1   4_555 ? ? ? ? ? ? WATSON-CRICK    ?     ? ? 
# 
loop_
_struct_conn_type.id 
_struct_conn_type.criteria 
_struct_conn_type.reference 
covale ? ? 
metalc ? ? 
hydrog ? ? 
# 
loop_
_pdbx_struct_conn_angle.id 
_pdbx_struct_conn_angle.ptnr1_label_atom_id 
_pdbx_struct_conn_angle.ptnr1_label_alt_id 
_pdbx_struct_conn_angle.ptnr1_label_asym_id 
_pdbx_struct_conn_angle.ptnr1_label_comp_id 
_pdbx_struct_conn_angle.ptnr1_label_seq_id 
_pdbx_struct_conn_angle.ptnr1_auth_atom_id 
_pdbx_struct_conn_angle.ptnr1_auth_asym_id 
_pdbx_struct_conn_angle.ptnr1_auth_comp_id 
_pdbx_struct_conn_angle.ptnr1_auth_seq_id 
_pdbx_struct_conn_angle.ptnr1_PDB_ins_code 
_pdbx_struct_conn_angle.ptnr1_symmetry 
_pdbx_struct_conn_angle.ptnr2_label_atom_id 
_pdbx_struct_conn_angle.ptnr2_label_alt_id 
_pdbx_struct_conn_angle.ptnr2_label_asym_id 
_pdbx_struct_conn_angle.ptnr2_label_comp_id 
_pdbx_struct_conn_angle.ptnr2_label_seq_id 
_pdbx_struct_conn_angle.ptnr2_auth_atom_id 
_pdbx_struct_conn_angle.ptnr2_auth_asym_id 
_pdbx_struct_conn_angle.ptnr2_auth_comp_id 
_pdbx_struct_conn_angle.ptnr2_auth_seq_id 
_pdbx_struct_conn_angle.ptnr2_PDB_ins_code 
_pdbx_struct_conn_angle.ptnr2_symmetry 
_pdbx_struct_conn_angle.ptnr3_label_atom_id 
_pdbx_struct_conn_angle.ptnr3_label_alt_id 
_pdbx_struct_conn_angle.ptnr3_label_asym_id 
_pdbx_struct_conn_angle.ptnr3_label_comp_id 
_pdbx_struct_conn_angle.ptnr3_label_seq_id 
_pdbx_struct_conn_angle.ptnr3_auth_atom_id 
_pdbx_struct_conn_angle.ptnr3_auth_asym_id 
_pdbx_struct_conn_angle.ptnr3_auth_comp_id 
_pdbx_struct_conn_angle.ptnr3_auth_seq_id 
_pdbx_struct_conn_angle.ptnr3_PDB_ins_code 
_pdbx_struct_conn_angle.ptnr3_symmetry 
_pdbx_struct_conn_angle.value 
_pdbx_struct_conn_angle.value_esd 
1  O ? D HOH . ? A HOH 204 ? 1_555 MG ? B MG . ? A MG 101 ? 1_555 O ? D HOH . ? A HOH 210 ? 1_555 118.9 ? 
2  O ? D HOH . ? A HOH 204 ? 1_555 MG ? B MG . ? A MG 101 ? 1_555 O ? D HOH . ? A HOH 215 ? 1_555 78.3  ? 
3  O ? D HOH . ? A HOH 210 ? 1_555 MG ? B MG . ? A MG 101 ? 1_555 O ? D HOH . ? A HOH 215 ? 1_555 158.7 ? 
4  O ? D HOH . ? A HOH 204 ? 1_555 MG ? B MG . ? A MG 101 ? 1_555 O ? D HOH . ? A HOH 243 ? 1_555 157.3 ? 
5  O ? D HOH . ? A HOH 210 ? 1_555 MG ? B MG . ? A MG 101 ? 1_555 O ? D HOH . ? A HOH 243 ? 1_555 78.1  ? 
6  O ? D HOH . ? A HOH 215 ? 1_555 MG ? B MG . ? A MG 101 ? 1_555 O ? D HOH . ? A HOH 243 ? 1_555 82.2  ? 
7  O ? D HOH . ? A HOH 204 ? 1_555 MG ? B MG . ? A MG 101 ? 1_555 O ? D HOH . ? A HOH 253 ? 1_555 66.5  ? 
8  O ? D HOH . ? A HOH 210 ? 1_555 MG ? B MG . ? A MG 101 ? 1_555 O ? D HOH . ? A HOH 253 ? 1_555 62.1  ? 
9  O ? D HOH . ? A HOH 215 ? 1_555 MG ? B MG . ? A MG 101 ? 1_555 O ? D HOH . ? A HOH 253 ? 1_555 139.2 ? 
10 O ? D HOH . ? A HOH 243 ? 1_555 MG ? B MG . ? A MG 101 ? 1_555 O ? D HOH . ? A HOH 253 ? 1_555 135.7 ? 
11 O ? D HOH . ? A HOH 204 ? 1_555 MG ? B MG . ? A MG 101 ? 1_555 O ? D HOH . ? A HOH 257 ? 1_555 133.5 ? 
12 O ? D HOH . ? A HOH 210 ? 1_555 MG ? B MG . ? A MG 101 ? 1_555 O ? D HOH . ? A HOH 257 ? 1_555 57.7  ? 
13 O ? D HOH . ? A HOH 215 ? 1_555 MG ? B MG . ? A MG 101 ? 1_555 O ? D HOH . ? A HOH 257 ? 1_555 121.0 ? 
14 O ? D HOH . ? A HOH 243 ? 1_555 MG ? B MG . ? A MG 101 ? 1_555 O ? D HOH . ? A HOH 257 ? 1_555 67.4  ? 
15 O ? D HOH . ? A HOH 253 ? 1_555 MG ? B MG . ? A MG 101 ? 1_555 O ? D HOH . ? A HOH 257 ? 1_555 75.1  ? 
16 O ? D HOH . ? A HOH 222 ? 1_555 MG ? C MG . ? A MG 102 ? 1_555 O ? D HOH . ? A HOH 246 ? 1_555 87.3  ? 
17 O ? D HOH . ? A HOH 222 ? 1_555 MG ? C MG . ? A MG 102 ? 1_555 O ? D HOH . ? A HOH 251 ? 1_555 69.0  ? 
18 O ? D HOH . ? A HOH 246 ? 1_555 MG ? C MG . ? A MG 102 ? 1_555 O ? D HOH . ? A HOH 251 ? 1_555 119.8 ? 
19 O ? D HOH . ? A HOH 222 ? 1_555 MG ? C MG . ? A MG 102 ? 1_555 O ? D HOH . ? A HOH 254 ? 1_555 135.3 ? 
20 O ? D HOH . ? A HOH 246 ? 1_555 MG ? C MG . ? A MG 102 ? 1_555 O ? D HOH . ? A HOH 254 ? 1_555 90.0  ? 
21 O ? D HOH . ? A HOH 251 ? 1_555 MG ? C MG . ? A MG 102 ? 1_555 O ? D HOH . ? A HOH 254 ? 1_555 74.0  ? 
22 O ? D HOH . ? A HOH 222 ? 1_555 MG ? C MG . ? A MG 102 ? 1_555 O ? D HOH . ? A HOH 256 ? 1_555 83.7  ? 
23 O ? D HOH . ? A HOH 246 ? 1_555 MG ? C MG . ? A MG 102 ? 1_555 O ? D HOH . ? A HOH 256 ? 1_555 62.6  ? 
24 O ? D HOH . ? A HOH 251 ? 1_555 MG ? C MG . ? A MG 102 ? 1_555 O ? D HOH . ? A HOH 256 ? 1_555 60.4  ? 
25 O ? D HOH . ? A HOH 254 ? 1_555 MG ? C MG . ? A MG 102 ? 1_555 O ? D HOH . ? A HOH 256 ? 1_555 56.1  ? 
# 
loop_
_pdbx_validate_close_contact.id 
_pdbx_validate_close_contact.PDB_model_num 
_pdbx_validate_close_contact.auth_atom_id_1 
_pdbx_validate_close_contact.auth_asym_id_1 
_pdbx_validate_close_contact.auth_comp_id_1 
_pdbx_validate_close_contact.auth_seq_id_1 
_pdbx_validate_close_contact.PDB_ins_code_1 
_pdbx_validate_close_contact.label_alt_id_1 
_pdbx_validate_close_contact.auth_atom_id_2 
_pdbx_validate_close_contact.auth_asym_id_2 
_pdbx_validate_close_contact.auth_comp_id_2 
_pdbx_validate_close_contact.auth_seq_id_2 
_pdbx_validate_close_contact.PDB_ins_code_2 
_pdbx_validate_close_contact.label_alt_id_2 
_pdbx_validate_close_contact.dist 
1 1 O A HOH 243 ? ? O A HOH 257 ? ? 2.13 
2 1 O A HOH 254 ? ? O A HOH 256 ? ? 2.18 
# 
loop_
_pdbx_struct_special_symmetry.id 
_pdbx_struct_special_symmetry.PDB_model_num 
_pdbx_struct_special_symmetry.auth_asym_id 
_pdbx_struct_special_symmetry.auth_comp_id 
_pdbx_struct_special_symmetry.auth_seq_id 
_pdbx_struct_special_symmetry.PDB_ins_code 
_pdbx_struct_special_symmetry.label_asym_id 
_pdbx_struct_special_symmetry.label_comp_id 
_pdbx_struct_special_symmetry.label_seq_id 
1 1 A HOH 221 ? D HOH . 
2 1 A HOH 235 ? D HOH . 
3 1 A HOH 236 ? D HOH . 
4 1 A HOH 239 ? D HOH . 
5 1 A HOH 252 ? D HOH . 
# 
loop_
_space_group_symop.id 
_space_group_symop.operation_xyz 
1  x,y,z                  
2  -y,x-y,z               
3  -x+y,-x,z              
4  x-y,-y,-z              
5  -x,-x+y,-z             
6  y,x,-z                 
7  x+1/3,y+2/3,z+2/3      
8  -y+1/3,x-y+2/3,z+2/3   
9  -x+y+1/3,-x+2/3,z+2/3  
10 x-y+1/3,-y+2/3,-z+2/3  
11 -x+1/3,-x+y+2/3,-z+2/3 
12 y+1/3,x+2/3,-z+2/3     
13 x+2/3,y+1/3,z+1/3      
14 -y+2/3,x-y+1/3,z+1/3   
15 -x+y+2/3,-x+1/3,z+1/3  
16 x-y+2/3,-y+1/3,-z+1/3  
17 -x+2/3,-x+y+1/3,-z+1/3 
18 y+2/3,x+1/3,-z+1/3     
# 
_pdbx_entry_details.entry_id                   8TDY 
_pdbx_entry_details.nonpolymer_details         ? 
_pdbx_entry_details.sequence_details           ? 
_pdbx_entry_details.compound_details           ? 
_pdbx_entry_details.source_details             ? 
_pdbx_entry_details.has_ligand_of_interest     Y 
_pdbx_entry_details.has_protein_modification   ? 
# 
loop_
_chem_comp_atom.comp_id 
_chem_comp_atom.atom_id 
_chem_comp_atom.type_symbol 
_chem_comp_atom.pdbx_aromatic_flag 
_chem_comp_atom.pdbx_stereo_config 
_chem_comp_atom.pdbx_ordinal 
A   OP3    O  N N 1   
A   P      P  N N 2   
A   OP1    O  N N 3   
A   OP2    O  N N 4   
A   "O5'"  O  N N 5   
A   "C5'"  C  N N 6   
A   "C4'"  C  N R 7   
A   "O4'"  O  N N 8   
A   "C3'"  C  N S 9   
A   "O3'"  O  N N 10  
A   "C2'"  C  N R 11  
A   "O2'"  O  N N 12  
A   "C1'"  C  N R 13  
A   N9     N  Y N 14  
A   C8     C  Y N 15  
A   N7     N  Y N 16  
A   C5     C  Y N 17  
A   C6     C  Y N 18  
A   N6     N  N N 19  
A   N1     N  Y N 20  
A   C2     C  Y N 21  
A   N3     N  Y N 22  
A   C4     C  Y N 23  
A   HOP3   H  N N 24  
A   HOP2   H  N N 25  
A   "H5'"  H  N N 26  
A   "H5''" H  N N 27  
A   "H4'"  H  N N 28  
A   "H3'"  H  N N 29  
A   "HO3'" H  N N 30  
A   "H2'"  H  N N 31  
A   "HO2'" H  N N 32  
A   "H1'"  H  N N 33  
A   H8     H  N N 34  
A   H61    H  N N 35  
A   H62    H  N N 36  
A   H2     H  N N 37  
C   OP3    O  N N 38  
C   P      P  N N 39  
C   OP1    O  N N 40  
C   OP2    O  N N 41  
C   "O5'"  O  N N 42  
C   "C5'"  C  N N 43  
C   "C4'"  C  N R 44  
C   "O4'"  O  N N 45  
C   "C3'"  C  N S 46  
C   "O3'"  O  N N 47  
C   "C2'"  C  N R 48  
C   "O2'"  O  N N 49  
C   "C1'"  C  N R 50  
C   N1     N  N N 51  
C   C2     C  N N 52  
C   O2     O  N N 53  
C   N3     N  N N 54  
C   C4     C  N N 55  
C   N4     N  N N 56  
C   C5     C  N N 57  
C   C6     C  N N 58  
C   HOP3   H  N N 59  
C   HOP2   H  N N 60  
C   "H5'"  H  N N 61  
C   "H5''" H  N N 62  
C   "H4'"  H  N N 63  
C   "H3'"  H  N N 64  
C   "HO3'" H  N N 65  
C   "H2'"  H  N N 66  
C   "HO2'" H  N N 67  
C   "H1'"  H  N N 68  
C   H41    H  N N 69  
C   H42    H  N N 70  
C   H5     H  N N 71  
C   H6     H  N N 72  
G   OP3    O  N N 73  
G   P      P  N N 74  
G   OP1    O  N N 75  
G   OP2    O  N N 76  
G   "O5'"  O  N N 77  
G   "C5'"  C  N N 78  
G   "C4'"  C  N R 79  
G   "O4'"  O  N N 80  
G   "C3'"  C  N S 81  
G   "O3'"  O  N N 82  
G   "C2'"  C  N R 83  
G   "O2'"  O  N N 84  
G   "C1'"  C  N R 85  
G   N9     N  Y N 86  
G   C8     C  Y N 87  
G   N7     N  Y N 88  
G   C5     C  Y N 89  
G   C6     C  N N 90  
G   O6     O  N N 91  
G   N1     N  N N 92  
G   C2     C  N N 93  
G   N2     N  N N 94  
G   N3     N  N N 95  
G   C4     C  Y N 96  
G   HOP3   H  N N 97  
G   HOP2   H  N N 98  
G   "H5'"  H  N N 99  
G   "H5''" H  N N 100 
G   "H4'"  H  N N 101 
G   "H3'"  H  N N 102 
G   "HO3'" H  N N 103 
G   "H2'"  H  N N 104 
G   "HO2'" H  N N 105 
G   "H1'"  H  N N 106 
G   H8     H  N N 107 
G   H1     H  N N 108 
G   H21    H  N N 109 
G   H22    H  N N 110 
HOH O      O  N N 111 
HOH H1     H  N N 112 
HOH H2     H  N N 113 
MG  MG     MG N N 114 
N6G P      P  N N 115 
N6G OP1    O  N N 116 
N6G OP2    O  N N 117 
N6G "O5'"  O  N N 118 
N6G "C5'"  C  N N 119 
N6G "C4'"  C  N R 120 
N6G "O4'"  O  N N 121 
N6G "C1'"  C  N R 122 
N6G N9     N  Y N 123 
N6G C4     C  Y N 124 
N6G N3     N  Y N 125 
N6G C2     C  Y N 126 
N6G N2     N  N N 127 
N6G N1     N  Y N 128 
N6G C6     C  Y N 129 
N6G N6     N  N N 130 
N6G C5     C  Y N 131 
N6G N7     N  Y N 132 
N6G C8     C  Y N 133 
N6G "C2'"  C  N R 134 
N6G "O2'"  O  N N 135 
N6G "C3'"  C  N S 136 
N6G "O3'"  O  N N 137 
N6G OP3    O  N N 138 
N6G HOP2   H  N N 139 
N6G "H5'"  H  N N 140 
N6G "H5''" H  N N 141 
N6G "H4'"  H  N N 142 
N6G "H1'"  H  N N 143 
N6G HN21   H  N N 144 
N6G HN22   H  N N 145 
N6G HN61   H  N N 146 
N6G HN62   H  N N 147 
N6G H8     H  N N 148 
N6G "H2'"  H  N N 149 
N6G "HO2'" H  N N 150 
N6G "H3'"  H  N N 151 
N6G "HO3'" H  N N 152 
N6G HOP3   H  N N 153 
U   OP3    O  N N 154 
U   P      P  N N 155 
U   OP1    O  N N 156 
U   OP2    O  N N 157 
U   "O5'"  O  N N 158 
U   "C5'"  C  N N 159 
U   "C4'"  C  N R 160 
U   "O4'"  O  N N 161 
U   "C3'"  C  N S 162 
U   "O3'"  O  N N 163 
U   "C2'"  C  N R 164 
U   "O2'"  O  N N 165 
U   "C1'"  C  N R 166 
U   N1     N  N N 167 
U   C2     C  N N 168 
U   O2     O  N N 169 
U   N3     N  N N 170 
U   C4     C  N N 171 
U   O4     O  N N 172 
U   C5     C  N N 173 
U   C6     C  N N 174 
U   HOP3   H  N N 175 
U   HOP2   H  N N 176 
U   "H5'"  H  N N 177 
U   "H5''" H  N N 178 
U   "H4'"  H  N N 179 
U   "H3'"  H  N N 180 
U   "HO3'" H  N N 181 
U   "H2'"  H  N N 182 
U   "HO2'" H  N N 183 
U   "H1'"  H  N N 184 
U   H3     H  N N 185 
U   H5     H  N N 186 
U   H6     H  N N 187 
# 
loop_
_chem_comp_bond.comp_id 
_chem_comp_bond.atom_id_1 
_chem_comp_bond.atom_id_2 
_chem_comp_bond.value_order 
_chem_comp_bond.pdbx_aromatic_flag 
_chem_comp_bond.pdbx_stereo_config 
_chem_comp_bond.pdbx_ordinal 
A   OP3   P      sing N N 1   
A   OP3   HOP3   sing N N 2   
A   P     OP1    doub N N 3   
A   P     OP2    sing N N 4   
A   P     "O5'"  sing N N 5   
A   OP2   HOP2   sing N N 6   
A   "O5'" "C5'"  sing N N 7   
A   "C5'" "C4'"  sing N N 8   
A   "C5'" "H5'"  sing N N 9   
A   "C5'" "H5''" sing N N 10  
A   "C4'" "O4'"  sing N N 11  
A   "C4'" "C3'"  sing N N 12  
A   "C4'" "H4'"  sing N N 13  
A   "O4'" "C1'"  sing N N 14  
A   "C3'" "O3'"  sing N N 15  
A   "C3'" "C2'"  sing N N 16  
A   "C3'" "H3'"  sing N N 17  
A   "O3'" "HO3'" sing N N 18  
A   "C2'" "O2'"  sing N N 19  
A   "C2'" "C1'"  sing N N 20  
A   "C2'" "H2'"  sing N N 21  
A   "O2'" "HO2'" sing N N 22  
A   "C1'" N9     sing N N 23  
A   "C1'" "H1'"  sing N N 24  
A   N9    C8     sing Y N 25  
A   N9    C4     sing Y N 26  
A   C8    N7     doub Y N 27  
A   C8    H8     sing N N 28  
A   N7    C5     sing Y N 29  
A   C5    C6     sing Y N 30  
A   C5    C4     doub Y N 31  
A   C6    N6     sing N N 32  
A   C6    N1     doub Y N 33  
A   N6    H61    sing N N 34  
A   N6    H62    sing N N 35  
A   N1    C2     sing Y N 36  
A   C2    N3     doub Y N 37  
A   C2    H2     sing N N 38  
A   N3    C4     sing Y N 39  
C   OP3   P      sing N N 40  
C   OP3   HOP3   sing N N 41  
C   P     OP1    doub N N 42  
C   P     OP2    sing N N 43  
C   P     "O5'"  sing N N 44  
C   OP2   HOP2   sing N N 45  
C   "O5'" "C5'"  sing N N 46  
C   "C5'" "C4'"  sing N N 47  
C   "C5'" "H5'"  sing N N 48  
C   "C5'" "H5''" sing N N 49  
C   "C4'" "O4'"  sing N N 50  
C   "C4'" "C3'"  sing N N 51  
C   "C4'" "H4'"  sing N N 52  
C   "O4'" "C1'"  sing N N 53  
C   "C3'" "O3'"  sing N N 54  
C   "C3'" "C2'"  sing N N 55  
C   "C3'" "H3'"  sing N N 56  
C   "O3'" "HO3'" sing N N 57  
C   "C2'" "O2'"  sing N N 58  
C   "C2'" "C1'"  sing N N 59  
C   "C2'" "H2'"  sing N N 60  
C   "O2'" "HO2'" sing N N 61  
C   "C1'" N1     sing N N 62  
C   "C1'" "H1'"  sing N N 63  
C   N1    C2     sing N N 64  
C   N1    C6     sing N N 65  
C   C2    O2     doub N N 66  
C   C2    N3     sing N N 67  
C   N3    C4     doub N N 68  
C   C4    N4     sing N N 69  
C   C4    C5     sing N N 70  
C   N4    H41    sing N N 71  
C   N4    H42    sing N N 72  
C   C5    C6     doub N N 73  
C   C5    H5     sing N N 74  
C   C6    H6     sing N N 75  
G   OP3   P      sing N N 76  
G   OP3   HOP3   sing N N 77  
G   P     OP1    doub N N 78  
G   P     OP2    sing N N 79  
G   P     "O5'"  sing N N 80  
G   OP2   HOP2   sing N N 81  
G   "O5'" "C5'"  sing N N 82  
G   "C5'" "C4'"  sing N N 83  
G   "C5'" "H5'"  sing N N 84  
G   "C5'" "H5''" sing N N 85  
G   "C4'" "O4'"  sing N N 86  
G   "C4'" "C3'"  sing N N 87  
G   "C4'" "H4'"  sing N N 88  
G   "O4'" "C1'"  sing N N 89  
G   "C3'" "O3'"  sing N N 90  
G   "C3'" "C2'"  sing N N 91  
G   "C3'" "H3'"  sing N N 92  
G   "O3'" "HO3'" sing N N 93  
G   "C2'" "O2'"  sing N N 94  
G   "C2'" "C1'"  sing N N 95  
G   "C2'" "H2'"  sing N N 96  
G   "O2'" "HO2'" sing N N 97  
G   "C1'" N9     sing N N 98  
G   "C1'" "H1'"  sing N N 99  
G   N9    C8     sing Y N 100 
G   N9    C4     sing Y N 101 
G   C8    N7     doub Y N 102 
G   C8    H8     sing N N 103 
G   N7    C5     sing Y N 104 
G   C5    C6     sing N N 105 
G   C5    C4     doub Y N 106 
G   C6    O6     doub N N 107 
G   C6    N1     sing N N 108 
G   N1    C2     sing N N 109 
G   N1    H1     sing N N 110 
G   C2    N2     sing N N 111 
G   C2    N3     doub N N 112 
G   N2    H21    sing N N 113 
G   N2    H22    sing N N 114 
G   N3    C4     sing N N 115 
HOH O     H1     sing N N 116 
HOH O     H2     sing N N 117 
N6G P     OP1    doub N N 118 
N6G P     OP2    sing N N 119 
N6G P     "O5'"  sing N N 120 
N6G P     OP3    sing N N 121 
N6G OP2   HOP2   sing N N 122 
N6G "O5'" "C5'"  sing N N 123 
N6G "C5'" "C4'"  sing N N 124 
N6G "C5'" "H5'"  sing N N 125 
N6G "C5'" "H5''" sing N N 126 
N6G "C4'" "O4'"  sing N N 127 
N6G "C4'" "C3'"  sing N N 128 
N6G "C4'" "H4'"  sing N N 129 
N6G "O4'" "C1'"  sing N N 130 
N6G "C1'" N9     sing N N 131 
N6G "C1'" "C2'"  sing N N 132 
N6G "C1'" "H1'"  sing N N 133 
N6G N9    C4     sing Y N 134 
N6G N9    C8     sing Y N 135 
N6G C4    N3     sing Y N 136 
N6G C4    C5     doub Y N 137 
N6G N3    C2     doub Y N 138 
N6G C2    N2     sing N N 139 
N6G C2    N1     sing Y N 140 
N6G N2    HN21   sing N N 141 
N6G N2    HN22   sing N N 142 
N6G N1    C6     doub Y N 143 
N6G C6    N6     sing N N 144 
N6G C6    C5     sing Y N 145 
N6G N6    HN61   sing N N 146 
N6G N6    HN62   sing N N 147 
N6G C5    N7     sing Y N 148 
N6G N7    C8     doub Y N 149 
N6G C8    H8     sing N N 150 
N6G "C2'" "O2'"  sing N N 151 
N6G "C2'" "C3'"  sing N N 152 
N6G "C2'" "H2'"  sing N N 153 
N6G "O2'" "HO2'" sing N N 154 
N6G "C3'" "O3'"  sing N N 155 
N6G "C3'" "H3'"  sing N N 156 
N6G "O3'" "HO3'" sing N N 157 
N6G OP3   HOP3   sing N N 158 
U   OP3   P      sing N N 159 
U   OP3   HOP3   sing N N 160 
U   P     OP1    doub N N 161 
U   P     OP2    sing N N 162 
U   P     "O5'"  sing N N 163 
U   OP2   HOP2   sing N N 164 
U   "O5'" "C5'"  sing N N 165 
U   "C5'" "C4'"  sing N N 166 
U   "C5'" "H5'"  sing N N 167 
U   "C5'" "H5''" sing N N 168 
U   "C4'" "O4'"  sing N N 169 
U   "C4'" "C3'"  sing N N 170 
U   "C4'" "H4'"  sing N N 171 
U   "O4'" "C1'"  sing N N 172 
U   "C3'" "O3'"  sing N N 173 
U   "C3'" "C2'"  sing N N 174 
U   "C3'" "H3'"  sing N N 175 
U   "O3'" "HO3'" sing N N 176 
U   "C2'" "O2'"  sing N N 177 
U   "C2'" "C1'"  sing N N 178 
U   "C2'" "H2'"  sing N N 179 
U   "O2'" "HO2'" sing N N 180 
U   "C1'" N1     sing N N 181 
U   "C1'" "H1'"  sing N N 182 
U   N1    C2     sing N N 183 
U   N1    C6     sing N N 184 
U   C2    O2     doub N N 185 
U   C2    N3     sing N N 186 
U   N3    C4     sing N N 187 
U   N3    H3     sing N N 188 
U   C4    O4     doub N N 189 
U   C4    C5     sing N N 190 
U   C5    C6     doub N N 191 
U   C5    H5     sing N N 192 
U   C6    H6     sing N N 193 
# 
loop_
_ndb_struct_conf_na.entry_id 
_ndb_struct_conf_na.feature 
8TDY 'a-form double helix'  
8TDY 'mismatched base pair' 
# 
loop_
_ndb_struct_na_base_pair.model_number 
_ndb_struct_na_base_pair.i_label_asym_id 
_ndb_struct_na_base_pair.i_label_comp_id 
_ndb_struct_na_base_pair.i_label_seq_id 
_ndb_struct_na_base_pair.i_symmetry 
_ndb_struct_na_base_pair.j_label_asym_id 
_ndb_struct_na_base_pair.j_label_comp_id 
_ndb_struct_na_base_pair.j_label_seq_id 
_ndb_struct_na_base_pair.j_symmetry 
_ndb_struct_na_base_pair.shear 
_ndb_struct_na_base_pair.stretch 
_ndb_struct_na_base_pair.stagger 
_ndb_struct_na_base_pair.buckle 
_ndb_struct_na_base_pair.propeller 
_ndb_struct_na_base_pair.opening 
_ndb_struct_na_base_pair.pair_number 
_ndb_struct_na_base_pair.pair_name 
_ndb_struct_na_base_pair.i_auth_asym_id 
_ndb_struct_na_base_pair.i_auth_seq_id 
_ndb_struct_na_base_pair.i_PDB_ins_code 
_ndb_struct_na_base_pair.j_auth_asym_id 
_ndb_struct_na_base_pair.j_auth_seq_id 
_ndb_struct_na_base_pair.j_PDB_ins_code 
_ndb_struct_na_base_pair.hbond_type_28 
_ndb_struct_na_base_pair.hbond_type_12 
1 A A   1  1_555 A U   16 4_555 -0.102 -0.098 0.253  0.464  -12.260 0.502  1  A_A1:U16_A   A 1  ? A 16 ? 20 1 
1 A G   2  1_555 A C   15 4_555 -0.184 -0.196 0.117  -1.334 -16.700 -0.736 2  A_G2:C15_A   A 2  ? A 15 ? 19 1 
1 A A   3  1_555 A U   14 4_555 0.140  -0.178 0.152  0.490  -13.210 1.266  3  A_A3:U14_A   A 3  ? A 14 ? 20 1 
1 A G   4  1_555 A C   13 4_555 -0.423 -0.178 0.083  -1.428 -9.329  -2.238 4  A_G4:C13_A   A 4  ? A 13 ? 19 1 
1 A N6G 5  1_555 A U   12 4_555 0.000  -0.136 -0.168 -6.406 -10.007 -1.658 5  A_N6G5:U12_A A 5  ? A 12 ? ?  1 
1 A A   6  1_555 A U   11 4_555 -0.036 -0.112 -0.106 -4.520 -13.601 1.545  6  A_A6:U11_A   A 6  ? A 11 ? 20 1 
1 A G   7  1_555 A C   10 4_555 -0.176 -0.111 0.038  -3.869 -10.538 0.200  7  A_G7:C10_A   A 7  ? A 10 ? 19 1 
1 A A   8  1_555 A U   9  4_555 -0.026 -0.093 -0.024 -1.049 -15.281 0.526  8  A_A8:U9_A    A 8  ? A 9  ? 20 1 
1 A U   9  1_555 A A   8  4_555 0.026  -0.093 -0.024 1.049  -15.281 0.526  9  A_U9:A8_A    A 9  ? A 8  ? 20 1 
1 A C   10 1_555 A G   7  4_555 0.176  -0.111 0.038  3.869  -10.538 0.200  10 A_C10:G7_A   A 10 ? A 7  ? 19 1 
1 A U   11 1_555 A A   6  4_555 0.036  -0.112 -0.106 4.520  -13.601 1.545  11 A_U11:A6_A   A 11 ? A 6  ? 20 1 
1 A U   12 1_555 A N6G 5  4_555 0.000  -0.136 -0.168 6.406  -10.007 -1.658 12 A_U12:N6G5_A A 12 ? A 5  ? ?  1 
1 A C   13 1_555 A G   4  4_555 0.423  -0.178 0.083  1.428  -9.329  -2.238 13 A_C13:G4_A   A 13 ? A 4  ? 19 1 
1 A U   14 1_555 A A   3  4_555 -0.140 -0.178 0.152  -0.490 -13.210 1.266  14 A_U14:A3_A   A 14 ? A 3  ? 20 1 
1 A C   15 1_555 A G   2  4_555 0.184  -0.196 0.117  1.334  -16.700 -0.736 15 A_C15:G2_A   A 15 ? A 2  ? 19 1 
1 A U   16 1_555 A A   1  4_555 0.102  -0.098 0.253  -0.464 -12.260 0.502  16 A_U16:A1_A   A 16 ? A 1  ? 20 1 
# 
loop_
_ndb_struct_na_base_pair_step.model_number 
_ndb_struct_na_base_pair_step.i_label_asym_id_1 
_ndb_struct_na_base_pair_step.i_label_comp_id_1 
_ndb_struct_na_base_pair_step.i_label_seq_id_1 
_ndb_struct_na_base_pair_step.i_symmetry_1 
_ndb_struct_na_base_pair_step.j_label_asym_id_1 
_ndb_struct_na_base_pair_step.j_label_comp_id_1 
_ndb_struct_na_base_pair_step.j_label_seq_id_1 
_ndb_struct_na_base_pair_step.j_symmetry_1 
_ndb_struct_na_base_pair_step.i_label_asym_id_2 
_ndb_struct_na_base_pair_step.i_label_comp_id_2 
_ndb_struct_na_base_pair_step.i_label_seq_id_2 
_ndb_struct_na_base_pair_step.i_symmetry_2 
_ndb_struct_na_base_pair_step.j_label_asym_id_2 
_ndb_struct_na_base_pair_step.j_label_comp_id_2 
_ndb_struct_na_base_pair_step.j_label_seq_id_2 
_ndb_struct_na_base_pair_step.j_symmetry_2 
_ndb_struct_na_base_pair_step.shift 
_ndb_struct_na_base_pair_step.slide 
_ndb_struct_na_base_pair_step.rise 
_ndb_struct_na_base_pair_step.tilt 
_ndb_struct_na_base_pair_step.roll 
_ndb_struct_na_base_pair_step.twist 
_ndb_struct_na_base_pair_step.x_displacement 
_ndb_struct_na_base_pair_step.y_displacement 
_ndb_struct_na_base_pair_step.helical_rise 
_ndb_struct_na_base_pair_step.inclination 
_ndb_struct_na_base_pair_step.tip 
_ndb_struct_na_base_pair_step.helical_twist 
_ndb_struct_na_base_pair_step.step_number 
_ndb_struct_na_base_pair_step.step_name 
_ndb_struct_na_base_pair_step.i_auth_asym_id_1 
_ndb_struct_na_base_pair_step.i_auth_seq_id_1 
_ndb_struct_na_base_pair_step.i_PDB_ins_code_1 
_ndb_struct_na_base_pair_step.j_auth_asym_id_1 
_ndb_struct_na_base_pair_step.j_auth_seq_id_1 
_ndb_struct_na_base_pair_step.j_PDB_ins_code_1 
_ndb_struct_na_base_pair_step.i_auth_asym_id_2 
_ndb_struct_na_base_pair_step.i_auth_seq_id_2 
_ndb_struct_na_base_pair_step.i_PDB_ins_code_2 
_ndb_struct_na_base_pair_step.j_auth_asym_id_2 
_ndb_struct_na_base_pair_step.j_auth_seq_id_2 
_ndb_struct_na_base_pair_step.j_PDB_ins_code_2 
1 A A   1  1_555 A U   16 4_555 A G   2  1_555 A C   15 4_555 -0.610 -1.158 3.245 -1.401 6.399  35.563 -2.738 0.792  3.020 10.368 
2.271  36.142 1  AA_A1G2:C15U16_AA   A 1  ? A 16 ? A 2  ? A 15 ? 
1 A G   2  1_555 A C   15 4_555 A A   3  1_555 A U   14 4_555 0.546  -1.187 3.145 0.923  4.010  33.448 -2.663 -0.800 3.001 6.935  
-1.596 33.693 2  AA_G2A3:U14C15_AA   A 2  ? A 15 ? A 3  ? A 14 ? 
1 A A   3  1_555 A U   14 4_555 A G   4  1_555 A C   13 4_555 -0.261 -1.481 3.211 -1.204 10.343 31.819 -4.139 0.272  2.622 18.264 
2.127  33.437 3  AA_A3G4:C13U14_AA   A 3  ? A 14 ? A 4  ? A 13 ? 
1 A G   4  1_555 A C   13 4_555 A N6G 5  1_555 A U   12 4_555 0.145  -1.859 3.393 1.677  13.534 30.941 -5.235 0.002  2.398 23.963 
-2.970 33.746 4  AA_G4N6G5:U12C13_AA A 4  ? A 13 ? A 5  ? A 12 ? 
1 A N6G 5  1_555 A U   12 4_555 A A   6  1_555 A U   11 4_555 0.857  -1.709 3.203 1.800  10.808 30.662 -4.757 -1.246 2.517 19.667 
-3.276 32.516 5  AA_N6G5A6:U11U12_AA A 5  ? A 12 ? A 6  ? A 11 ? 
1 A A   6  1_555 A U   11 4_555 A G   7  1_555 A C   10 4_555 -0.183 -2.093 3.155 0.067  9.589  26.737 -6.163 0.386  2.281 19.940 
-0.139 28.375 6  AA_A6G7:C10U11_AA   A 6  ? A 11 ? A 7  ? A 10 ? 
1 A G   7  1_555 A C   10 4_555 A A   8  1_555 A U   9  4_555 -0.447 -1.426 3.201 0.016  5.298  32.568 -3.362 0.790  2.939 9.370  
-0.027 32.985 7  AA_G7A8:U9C10_AA    A 7  ? A 10 ? A 8  ? A 9  ? 
1 A A   8  1_555 A U   9  4_555 A U   9  1_555 A A   8  4_555 0.000  -1.173 3.142 0.000  8.454  31.898 -3.385 0.000  2.750 15.056 
0.000  32.971 8  AA_A8U9:A8U9_AA     A 8  ? A 9  ? A 9  ? A 8  ? 
1 A U   9  1_555 A A   8  4_555 A C   10 1_555 A G   7  4_555 0.447  -1.426 3.201 -0.016 5.298  32.568 -3.362 -0.790 2.939 9.370  
0.027  32.985 9  AA_U9C10:G7A8_AA    A 9  ? A 8  ? A 10 ? A 7  ? 
1 A C   10 1_555 A G   7  4_555 A U   11 1_555 A A   6  4_555 0.183  -2.093 3.155 -0.067 9.589  26.737 -6.163 -0.386 2.281 19.940 
0.139  28.375 10 AA_C10U11:A6G7_AA   A 10 ? A 7  ? A 11 ? A 6  ? 
1 A U   11 1_555 A A   6  4_555 A U   12 1_555 A N6G 5  4_555 -0.857 -1.709 3.203 -1.800 10.808 30.662 -4.757 1.246  2.517 19.667 
3.276  32.516 11 AA_U11U12:N6G5A6_AA A 11 ? A 6  ? A 12 ? A 5  ? 
1 A U   12 1_555 A N6G 5  4_555 A C   13 1_555 A G   4  4_555 -0.145 -1.859 3.393 -1.677 13.534 30.941 -5.235 -0.002 2.398 23.963 
2.970  33.746 12 AA_U12C13:G4N6G5_AA A 12 ? A 5  ? A 13 ? A 4  ? 
1 A C   13 1_555 A G   4  4_555 A U   14 1_555 A A   3  4_555 0.261  -1.481 3.211 1.204  10.343 31.819 -4.139 -0.272 2.622 18.264 
-2.127 33.437 13 AA_C13U14:A3G4_AA   A 13 ? A 4  ? A 14 ? A 3  ? 
1 A U   14 1_555 A A   3  4_555 A C   15 1_555 A G   2  4_555 -0.546 -1.187 3.145 -0.923 4.010  33.448 -2.663 0.800  3.001 6.935  
1.596  33.693 14 AA_U14C15:G2A3_AA   A 14 ? A 3  ? A 15 ? A 2  ? 
1 A C   15 1_555 A G   2  4_555 A U   16 1_555 A A   1  4_555 0.610  -1.158 3.245 1.401  6.399  35.563 -2.738 -0.792 3.020 10.368 
-2.271 36.142 15 AA_C15U16:A1G2_AA   A 15 ? A 2  ? A 16 ? A 1  ? 
# 
loop_
_pdbx_audit_support.funding_organization 
_pdbx_audit_support.country 
_pdbx_audit_support.grant_number 
_pdbx_audit_support.ordinal 
'National Science Foundation (NSF, United States)' 'United States' 2104708 1 
'Simons Foundation'                                'United States' 290363  2 
# 
_pdbx_entity_instance_feature.ordinal        1 
_pdbx_entity_instance_feature.comp_id        N6G 
_pdbx_entity_instance_feature.asym_id        ? 
_pdbx_entity_instance_feature.seq_num        ? 
_pdbx_entity_instance_feature.auth_comp_id   N6G 
_pdbx_entity_instance_feature.auth_asym_id   ? 
_pdbx_entity_instance_feature.auth_seq_num   ? 
_pdbx_entity_instance_feature.feature_type   'SUBJECT OF INVESTIGATION' 
_pdbx_entity_instance_feature.details        ? 
# 
_pdbx_initial_refinement_model.id               1 
_pdbx_initial_refinement_model.entity_id_list   ? 
_pdbx_initial_refinement_model.type             'experimental model' 
_pdbx_initial_refinement_model.source_name      PDB 
_pdbx_initial_refinement_model.accession_code   3ND4 
_pdbx_initial_refinement_model.details          ? 
# 
_space_group.name_H-M_alt     'R 3 2 :H' 
_space_group.name_Hall        
;R 3 2"
;
_space_group.IT_number        155 
_space_group.crystal_system   trigonal 
_space_group.id               1 
# 
_atom_sites.entry_id                    8TDY 
_atom_sites.Cartn_transf_matrix[1][1]   ? 
_atom_sites.Cartn_transf_matrix[1][2]   ? 
_atom_sites.Cartn_transf_matrix[1][3]   ? 
_atom_sites.Cartn_transf_matrix[2][1]   ? 
_atom_sites.Cartn_transf_matrix[2][2]   ? 
_atom_sites.Cartn_transf_matrix[2][3]   ? 
_atom_sites.Cartn_transf_matrix[3][1]   ? 
_atom_sites.Cartn_transf_matrix[3][2]   ? 
_atom_sites.Cartn_transf_matrix[3][3]   ? 
_atom_sites.Cartn_transf_vector[1]      ? 
_atom_sites.Cartn_transf_vector[2]      ? 
_atom_sites.Cartn_transf_vector[3]      ? 
_atom_sites.Cartn_transform_axes        ? 
_atom_sites.fract_transf_matrix[1][1]   0.00391771 
_atom_sites.fract_transf_matrix[1][2]   0.02118908 
_atom_sites.fract_transf_matrix[1][3]   0.01797932 
_atom_sites.fract_transf_matrix[2][1]   0.02500796 
_atom_sites.fract_transf_matrix[2][2]   0.00359570 
_atom_sites.fract_transf_matrix[2][3]   0.01221495 
_atom_sites.fract_transf_matrix[3][1]   0.00227672 
_atom_sites.fract_transf_matrix[3][2]   0.00471080 
_atom_sites.fract_transf_matrix[3][3]   -0.00604789 
_atom_sites.fract_transf_vector[1]      0.417791 
_atom_sites.fract_transf_vector[2]      0.438506 
_atom_sites.fract_transf_vector[3]      -0.009452 
_atom_sites.solution_primary            ? 
_atom_sites.solution_secondary          ? 
_atom_sites.solution_hydrogens          ? 
_atom_sites.special_details             ? 
# 
loop_
_atom_type.symbol 
_atom_type.scat_dispersion_real 
_atom_type.scat_dispersion_imag 
_atom_type.scat_Cromer_Mann_a1 
_atom_type.scat_Cromer_Mann_a2 
_atom_type.scat_Cromer_Mann_a3 
_atom_type.scat_Cromer_Mann_a4 
_atom_type.scat_Cromer_Mann_b1 
_atom_type.scat_Cromer_Mann_b2 
_atom_type.scat_Cromer_Mann_b3 
_atom_type.scat_Cromer_Mann_b4 
_atom_type.scat_Cromer_Mann_c 
_atom_type.scat_source 
_atom_type.scat_dispersion_source 
C  ? ? 3.54356 2.42580 ? ? 25.62398 1.50364  ? ? 0.0 
;2-Gaussian fit: Grosse-Kunstleve RW, Sauter NK, Adams PD: Newsletter of the IUCr Commission on Crystallographic Computing 2004, 3, 22-31.
;
? 
MG ? ? 9.41153 2.53737 ? ? 2.59044  63.03566 ? ? 0.0 
;2-Gaussian fit: Grosse-Kunstleve RW, Sauter NK, Adams PD: Newsletter of the IUCr Commission on Crystallographic Computing 2004, 3, 22-31.
;
? 
N  ? ? 4.01032 2.96436 ? ? 19.97189 1.75589  ? ? 0.0 
;2-Gaussian fit: Grosse-Kunstleve RW, Sauter NK, Adams PD: Newsletter of the IUCr Commission on Crystallographic Computing 2004, 3, 22-31.
;
? 
O  ? ? 4.49882 3.47563 ? ? 15.80542 1.70748  ? ? 0.0 
;2-Gaussian fit: Grosse-Kunstleve RW, Sauter NK, Adams PD: Newsletter of the IUCr Commission on Crystallographic Computing 2004, 3, 22-31.
;
? 
P  ? ? 9.51135 5.44231 ? ? 1.42069  35.72801 ? ? 0.0 
;2-Gaussian fit: Grosse-Kunstleve RW, Sauter NK, Adams PD: Newsletter of the IUCr Commission on Crystallographic Computing 2004, 3, 22-31.
;
? 
# 
loop_
_atom_site.group_PDB 
_atom_site.id 
_atom_site.type_symbol 
_atom_site.label_atom_id 
_atom_site.label_alt_id 
_atom_site.label_comp_id 
_atom_site.label_asym_id 
_atom_site.label_entity_id 
_atom_site.label_seq_id 
_atom_site.pdbx_PDB_ins_code 
_atom_site.Cartn_x 
_atom_site.Cartn_y 
_atom_site.Cartn_z 
_atom_site.occupancy 
_atom_site.B_iso_or_equiv 
_atom_site.pdbx_formal_charge 
_atom_site.auth_seq_id 
_atom_site.auth_comp_id 
_atom_site.auth_asym_id 
_atom_site.auth_atom_id 
_atom_site.pdbx_PDB_model_num 
ATOM   1   O  "O5'" . A   A 1 1  ? 4.85891   4.10713   -17.70790 1.000 19.59408 ? 1   A   A "O5'" 1 
ATOM   2   C  "C5'" . A   A 1 1  ? 5.82360   3.07450   -17.85991 1.000 10.82306 ? 1   A   A "C5'" 1 
ATOM   3   C  "C4'" . A   A 1 1  ? 7.22251   3.61158   -17.71198 1.000 10.17190 ? 1   A   A "C4'" 1 
ATOM   4   O  "O4'" . A   A 1 1  ? 7.34058   4.83867   -18.46512 1.000 9.94219  ? 1   A   A "O4'" 1 
ATOM   5   C  "C3'" . A   A 1 1  ? 7.62629   4.00625   -16.29780 1.000 11.38095 ? 1   A   A "C3'" 1 
ATOM   6   O  "O3'" . A   A 1 1  ? 8.09247   2.90639   -15.55840 1.000 11.08964 ? 1   A   A "O3'" 1 
ATOM   7   C  "C2'" . A   A 1 1  ? 8.70294   5.04987   -16.53207 1.000 10.72562 ? 1   A   A "C2'" 1 
ATOM   8   O  "O2'" . A   A 1 1  ? 9.92442   4.41842   -16.89434 1.000 10.90877 ? 1   A   A "O2'" 1 
ATOM   9   C  "C1'" . A   A 1 1  ? 8.16305   5.75378   -17.77047 1.000 9.27156  ? 1   A   A "C1'" 1 
ATOM   10  N  N9    . A   A 1 1  ? 7.36254   6.95369   -17.49314 1.000 6.07100  ? 1   A   A N9    1 
ATOM   11  C  C8    . A   A 1 1  ? 6.02255   7.10961   -17.71301 1.000 7.09391  ? 1   A   A C8    1 
ATOM   12  N  N7    . A   A 1 1  ? 5.57844   8.30918   -17.45044 1.000 7.50668  ? 1   A   A N7    1 
ATOM   13  C  C5    . A   A 1 1  ? 6.71349   8.99726   -17.03447 1.000 5.33083  ? 1   A   A C5    1 
ATOM   14  C  C6    . A   A 1 1  ? 6.90810   10.32241  -16.62460 1.000 4.46347  ? 1   A   A C6    1 
ATOM   15  N  N6    . A   A 1 1  ? 5.93429   11.22870  -16.54274 1.000 7.92363  ? 1   A   A N6    1 
ATOM   16  N  N1    . A   A 1 1  ? 8.16593   10.68390  -16.27433 1.000 4.89094  ? 1   A   A N1    1 
ATOM   17  C  C2    . A   A 1 1  ? 9.15164   9.78326   -16.35364 1.000 3.30454  ? 1   A   A C2    1 
ATOM   18  N  N3    . A   A 1 1  ? 9.09474   8.49677   -16.73909 1.000 5.84762  ? 1   A   A N3    1 
ATOM   19  C  C4    . A   A 1 1  ? 7.82912   8.18193   -17.07540 1.000 6.75024  ? 1   A   A C4    1 
ATOM   20  P  P     . G   A 1 2  ? 7.82023   2.84365   -13.98922 1.000 12.04789 ? 2   G   A P     1 
ATOM   21  O  OP1   . G   A 1 2  ? 8.12856   1.46616   -13.52687 1.000 16.48983 ? 2   G   A OP1   1 
ATOM   22  O  OP2   . G   A 1 2  ? 6.48357   3.42633   -13.72864 1.000 10.46198 ? 2   G   A OP2   1 
ATOM   23  O  "O5'" . G   A 1 2  ? 8.91157   3.82321   -13.38035 1.000 10.47352 ? 2   G   A "O5'" 1 
ATOM   24  C  "C5'" . G   A 1 2  ? 10.29523  3.53886   -13.47013 1.000 11.78628 ? 2   G   A "C5'" 1 
ATOM   25  C  "C4'" . G   A 1 2  ? 11.09354  4.67878   -12.90761 1.000 11.48210 ? 2   G   A "C4'" 1 
ATOM   26  O  "O4'" . G   A 1 2  ? 10.94996  5.83641   -13.76685 1.000 11.04673 ? 2   G   A "O4'" 1 
ATOM   27  C  "C3'" . G   A 1 2  ? 10.64366  5.18337   -11.54476 1.000 8.94618  ? 2   G   A "C3'" 1 
ATOM   28  O  "O3'" . G   A 1 2  ? 11.12155  4.38592   -10.48015 1.000 16.47166 ? 2   G   A "O3'" 1 
ATOM   29  C  "C2'" . G   A 1 2  ? 11.18729  6.59823   -11.54049 1.000 10.08303 ? 2   G   A "C2'" 1 
ATOM   30  O  "O2'" . G   A 1 2  ? 12.59509  6.58039   -11.36720 1.000 12.08954 ? 2   G   A "O2'" 1 
ATOM   31  C  "C1'" . G   A 1 2  ? 10.90747  7.01184   -12.97690 1.000 9.18478  ? 2   G   A "C1'" 1 
ATOM   32  N  N9    . G   A 1 2  ? 9.58311   7.63283   -13.13773 1.000 8.94506  ? 2   G   A N9    1 
ATOM   33  C  C8    . G   A 1 2  ? 8.43667   7.01398   -13.58121 1.000 6.50855  ? 2   G   A C8    1 
ATOM   34  N  N7    . G   A 1 2  ? 7.40859   7.81505   -13.64857 1.000 7.23833  ? 2   G   A N7    1 
ATOM   35  C  C5    . G   A 1 2  ? 7.90814   9.04802   -13.23277 1.000 5.75142  ? 2   G   A C5    1 
ATOM   36  C  C6    . G   A 1 2  ? 7.25314   10.30422  -13.09698 1.000 4.49810  ? 2   G   A C6    1 
ATOM   37  O  O6    . G   A 1 2  ? 6.07919   10.57058  -13.33735 1.000 6.70445  ? 2   G   A O6    1 
ATOM   38  N  N1    . G   A 1 2  ? 8.12513   11.29872  -12.62620 1.000 5.94694  ? 2   G   A N1    1 
ATOM   39  C  C2    . G   A 1 2  ? 9.44608   11.09633  -12.33236 1.000 5.65726  ? 2   G   A C2    1 
ATOM   40  N  N2    . G   A 1 2  ? 10.12694  12.17258  -11.88083 1.000 6.09332  ? 2   G   A N2    1 
ATOM   41  N  N3    . G   A 1 2  ? 10.06897  9.92037   -12.44524 1.000 6.06354  ? 2   G   A N3    1 
ATOM   42  C  C4    . G   A 1 2  ? 9.23789   8.95136   -12.90355 1.000 5.31539  ? 2   G   A C4    1 
ATOM   43  P  P     . A   A 1 3  ? 10.28152  4.26378   -9.11516  1.000 13.74658 ? 3   A   A P     1 
ATOM   44  O  OP1   . A   A 1 3  ? 11.05512  3.38032   -8.21811  1.000 14.81523 ? 3   A   A OP1   1 
ATOM   45  O  OP2   . A   A 1 3  ? 8.84610   4.02166   -9.38098  1.000 14.59161 ? 3   A   A OP2   1 
ATOM   46  O  "O5'" . A   A 1 3  ? 10.32652  5.73044   -8.50712  1.000 9.48658  ? 3   A   A "O5'" 1 
ATOM   47  C  "C5'" . A   A 1 3  ? 11.54340  6.31667   -8.09538  1.000 9.24464  ? 3   A   A "C5'" 1 
ATOM   48  C  "C4'" . A   A 1 3  ? 11.34804  7.77616   -7.78894  1.000 9.37226  ? 3   A   A "C4'" 1 
ATOM   49  O  "O4'" . A   A 1 3  ? 10.89982  8.48971   -8.96922  1.000 7.62137  ? 3   A   A "O4'" 1 
ATOM   50  C  "C3'" . A   A 1 3  ? 10.28348  8.10065   -6.76007  1.000 8.66883  ? 3   A   A "C3'" 1 
ATOM   51  O  "O3'" . A   A 1 3  ? 10.71733  7.86696   -5.44189  1.000 8.10289  ? 3   A   A "O3'" 1 
ATOM   52  C  "C2'" . A   A 1 3  ? 10.00098  9.56517   -7.05411  1.000 6.06398  ? 3   A   A "C2'" 1 
ATOM   53  O  "O2'" . A   A 1 3  ? 11.05771  10.39327  -6.58622  1.000 8.47125  ? 3   A   A "O2'" 1 
ATOM   54  C  "C1'" . A   A 1 3  ? 10.05319  9.56375   -8.57781  1.000 5.95286  ? 3   A   A "C1'" 1 
ATOM   55  N  N9    . A   A 1 3  ? 8.71829   9.34934   -9.16543  1.000 6.53812  ? 3   A   A N9    1 
ATOM   56  C  C8    . A   A 1 3  ? 8.16073   8.17647   -9.61330  1.000 6.68491  ? 3   A   A C8    1 
ATOM   57  N  N7    . A   A 1 3  ? 6.93605   8.31280   -10.08138 1.000 6.76606  ? 3   A   A N7    1 
ATOM   58  C  C5    . A   A 1 3  ? 6.68559   9.67094   -9.93243  1.000 8.33067  ? 3   A   A C5    1 
ATOM   59  C  C6    . A   A 1 3  ? 5.56654   10.46097  -10.24169 1.000 5.55403  ? 3   A   A C6    1 
ATOM   60  N  N6    . A   A 1 3  ? 4.46006   9.98117   -10.80814 1.000 7.43927  ? 3   A   A N6    1 
ATOM   61  N  N1    . A   A 1 3  ? 5.64930   11.78606  -9.96341  1.000 5.52731  ? 3   A   A N1    1 
ATOM   62  C  C2    . A   A 1 3  ? 6.75470   12.27072  -9.38687  1.000 5.60659  ? 3   A   A C2    1 
ATOM   63  N  N3    . A   A 1 3  ? 7.87685   11.62317  -9.05288  1.000 5.01267  ? 3   A   A N3    1 
ATOM   64  C  C4    . A   A 1 3  ? 7.76311   10.31669  -9.36040  1.000 6.75691  ? 3   A   A C4    1 
ATOM   65  P  P     . G   A 1 4  ? 9.64342   7.54490   -4.29259  1.000 11.64090 ? 4   G   A P     1 
ATOM   66  O  OP1   . G   A 1 4  ? 10.40264  7.08090   -3.09463  1.000 13.99739 ? 4   G   A OP1   1 
ATOM   67  O  OP2   . G   A 1 4  ? 8.58260   6.70078   -4.87752  1.000 13.29646 ? 4   G   A OP2   1 
ATOM   68  O  "O5'" . G   A 1 4  ? 8.98262   8.96229   -3.97244  1.000 11.66679 ? 4   G   A "O5'" 1 
ATOM   69  C  "C5'" . G   A 1 4  ? 9.73467   10.05171  -3.46419  1.000 9.88562  ? 4   G   A "C5'" 1 
ATOM   70  C  "C4'" . G   A 1 4  ? 8.89018   11.29991  -3.35379  1.000 9.04524  ? 4   G   A "C4'" 1 
ATOM   71  O  "O4'" . G   A 1 4  ? 8.58489   11.81689  -4.67675  1.000 10.02017 ? 4   G   A "O4'" 1 
ATOM   72  C  "C3'" . G   A 1 4  ? 7.52024   11.12766  -2.72435  1.000 9.97664  ? 4   G   A "C3'" 1 
ATOM   73  O  "O3'" . G   A 1 4  ? 7.55676   11.01139  -1.31827  1.000 10.19544 ? 4   G   A "O3'" 1 
ATOM   74  C  "C2'" . G   A 1 4  ? 6.77808   12.35122  -3.24131  1.000 10.83179 ? 4   G   A "C2'" 1 
ATOM   75  O  "O2'" . G   A 1 4  ? 7.20060   13.54079  -2.59035  1.000 13.26591 ? 4   G   A "O2'" 1 
ATOM   76  C  "C1'" . G   A 1 4  ? 7.28650   12.39437  -4.67499  1.000 10.61177 ? 4   G   A "C1'" 1 
ATOM   77  N  N9    . G   A 1 4  ? 6.41586   11.58392  -5.53903  1.000 8.59619  ? 4   G   A N9    1 
ATOM   78  C  C8    . G   A 1 4  ? 6.60302   10.29398  -5.95307  1.000 8.02315  ? 4   G   A C8    1 
ATOM   79  N  N7    . G   A 1 4  ? 5.64244   9.83564   -6.69788  1.000 9.45463  ? 4   G   A N7    1 
ATOM   80  C  C5    . G   A 1 4  ? 4.75277   10.89371  -6.78026  1.000 8.40951  ? 4   G   A C5    1 
ATOM   81  C  C6    . G   A 1 4  ? 3.51411   10.99302  -7.46409  1.000 8.31737  ? 4   G   A C6    1 
ATOM   82  O  O6    . G   A 1 4  ? 2.95682   10.12262  -8.14858  1.000 8.43626  ? 4   G   A O6    1 
ATOM   83  N  N1    . G   A 1 4  ? 2.93819   12.25085  -7.26735  1.000 7.37409  ? 4   G   A N1    1 
ATOM   84  C  C2    . G   A 1 4  ? 3.47529   13.27556  -6.52007  1.000 9.93548  ? 4   G   A C2    1 
ATOM   85  N  N2    . G   A 1 4  ? 2.77934   14.41938  -6.43950  1.000 8.78290  ? 4   G   A N2    1 
ATOM   86  N  N3    . G   A 1 4  ? 4.63671   13.19266  -5.88546  1.000 8.97860  ? 4   G   A N3    1 
ATOM   87  C  C4    . G   A 1 4  ? 5.20357   11.98422  -6.06483  1.000 7.37956  ? 4   G   A C4    1 
HETATM 88  P  P     . N6G A 1 5  ? 6.46037   10.11779  -0.56382  1.000 13.31302 ? 5   N6G A P     1 
HETATM 89  O  OP1   . N6G A 1 5  ? 6.83225   10.19805  0.84551   1.000 17.94802 ? 5   N6G A OP1   1 
HETATM 90  O  OP2   . N6G A 1 5  ? 6.26901   8.80544   -1.17911  1.000 12.23659 ? 5   N6G A OP2   1 
HETATM 91  O  "O5'" . N6G A 1 5  ? 5.10178   10.91550  -0.77025  1.000 14.30191 ? 5   N6G A "O5'" 1 
HETATM 92  C  "C5'" . N6G A 1 5  ? 4.93948   12.22392  -0.24917  1.000 11.99181 ? 5   N6G A "C5'" 1 
HETATM 93  C  "C4'" . N6G A 1 5  ? 3.60051   12.78950  -0.63034  1.000 12.00845 ? 5   N6G A "C4'" 1 
HETATM 94  O  "O4'" . N6G A 1 5  ? 3.53173   13.01879  -2.06273  1.000 10.13361 ? 5   N6G A "O4'" 1 
HETATM 95  C  "C1'" . N6G A 1 5  ? 2.19106   12.84330  -2.49964  1.000 12.55131 ? 5   N6G A "C1'" 1 
HETATM 96  N  N9    . N6G A 1 5  ? 2.12479   11.71053  -3.44468  1.000 11.34618 ? 5   N6G A N9    1 
HETATM 97  C  C4    . N6G A 1 5  ? 1.06411   11.53122  -4.24273  1.000 9.56252  ? 5   N6G A C4    1 
HETATM 98  N  N3    . N6G A 1 5  ? -0.02161  12.29284  -4.38267  1.000 11.44952 ? 5   N6G A N3    1 
HETATM 99  C  C2    . N6G A 1 5  ? -0.87205  11.73753  -5.34124  1.000 8.48753  ? 5   N6G A C2    1 
HETATM 100 N  N2    . N6G A 1 5  ? -2.09033  12.42589  -5.61713  1.000 12.20673 ? 5   N6G A N2    1 
HETATM 101 N  N1    . N6G A 1 5  ? -0.62054  10.58630  -6.03637  1.000 10.48634 ? 5   N6G A N1    1 
HETATM 102 C  C6    . N6G A 1 5  ? 0.46104   9.87793   -5.87187  1.000 9.11217  ? 5   N6G A C6    1 
HETATM 103 N  N6    . N6G A 1 5  ? 0.67048   8.65370   -6.65531  1.000 9.40064  ? 5   N6G A N6    1 
HETATM 104 C  C5    . N6G A 1 5  ? 1.35066   10.33231  -4.94231  1.000 9.21945  ? 5   N6G A C5    1 
HETATM 105 N  N7    . N6G A 1 5  ? 2.66626   9.84106   -4.46362  1.000 12.94060 ? 5   N6G A N7    1 
HETATM 106 C  C8    . N6G A 1 5  ? 3.02252   10.77211  -3.54153  1.000 10.43462 ? 5   N6G A C8    1 
HETATM 107 C  "C2'" . N6G A 1 5  ? 1.35333   12.53240  -1.25378  1.000 13.46567 ? 5   N6G A "C2'" 1 
HETATM 108 O  "O2'" . N6G A 1 5  ? 0.92174   13.75511  -0.67957  1.000 15.68154 ? 5   N6G A "O2'" 1 
HETATM 109 C  "C3'" . N6G A 1 5  ? 2.40667   11.88701  -0.37499  1.000 14.98065 ? 5   N6G A "C3'" 1 
HETATM 110 O  "O3'" . N6G A 1 5  ? 2.04982   11.79190  0.99031   1.000 14.65325 ? 5   N6G A "O3'" 1 
ATOM   111 P  P     . A   A 1 6  ? 1.37998   10.44250  1.55389   1.000 16.13281 ? 6   A   A P     1 
ATOM   112 O  OP1   . A   A 1 6  ? 1.26543   10.66297  3.01728   1.000 21.37439 ? 6   A   A OP1   1 
ATOM   113 O  OP2   . A   A 1 6  ? 2.08962   9.23756   1.06681   1.000 16.05272 ? 6   A   A OP2   1 
ATOM   114 O  "O5'" . A   A 1 6  ? -0.07890  10.40330  0.91258   1.000 14.78705 ? 6   A   A "O5'" 1 
ATOM   115 C  "C5'" . A   A 1 6  ? -1.00986  11.44096  1.16221   1.000 15.19333 ? 6   A   A "C5'" 1 
ATOM   116 C  "C4'" . A   A 1 6  ? -2.21473  11.33860  0.25775   1.000 13.36118 ? 6   A   A "C4'" 1 
ATOM   117 O  "O4'" . A   A 1 6  ? -1.82593  11.43690  -1.14170  1.000 11.85289 ? 6   A   A "O4'" 1 
ATOM   118 C  "C3'" . A   A 1 6  ? -3.00265  10.04107  0.31460   1.000 10.74667 ? 6   A   A "C3'" 1 
ATOM   119 O  "O3'" . A   A 1 6  ? -3.84447  9.96833   1.44785   1.000 14.23298 ? 6   A   A "O3'" 1 
ATOM   120 C  "C2'" . A   A 1 6  ? -3.77358  10.09124  -0.99014  1.000 14.82451 ? 6   A   A "C2'" 1 
ATOM   121 O  "O2'" . A   A 1 6  ? -4.83061  11.02415  -0.88433  1.000 14.42949 ? 6   A   A "O2'" 1 
ATOM   122 C  "C1'" . A   A 1 6  ? -2.71398  10.67080  -1.93003  1.000 12.00437 ? 6   A   A "C1'" 1 
ATOM   123 N  N9    . A   A 1 6  ? -1.96371  9.59208   -2.58902  1.000 10.99234 ? 6   A   A N9    1 
ATOM   124 C  C8    . A   A 1 6  ? -0.73637  9.06662   -2.27323  1.000 11.32972 ? 6   A   A C8    1 
ATOM   125 N  N7    . A   A 1 6  ? -0.37106  8.08722   -3.07122  1.000 17.89642 ? 6   A   A N7    1 
ATOM   126 C  C5    . A   A 1 6  ? -1.43710  7.95597   -3.95744  1.000 11.69640 ? 6   A   A C5    1 
ATOM   127 C  C6    . A   A 1 6  ? -1.67834  7.10360   -5.05813  1.000 10.52014 ? 6   A   A C6    1 
ATOM   128 N  N6    . A   A 1 6  ? -0.82960  6.15663   -5.46330  1.000 16.80315 ? 6   A   A N6    1 
ATOM   129 N  N1    . A   A 1 6  ? -2.84871  7.24342   -5.71901  1.000 14.03888 ? 6   A   A N1    1 
ATOM   130 C  C2    . A   A 1 6  ? -3.71643  8.17791   -5.31480  1.000 11.16465 ? 6   A   A C2    1 
ATOM   131 N  N3    . A   A 1 6  ? -3.59800  9.04661   -4.30593  1.000 15.12087 ? 6   A   A N3    1 
ATOM   132 C  C4    . A   A 1 6  ? -2.42567  8.87523   -3.66575  1.000 13.59788 ? 6   A   A C4    1 
ATOM   133 P  P     . G   A 1 7  ? -4.22781  8.54841   2.08067   1.000 13.53360 ? 7   G   A P     1 
ATOM   134 O  OP1   . G   A 1 7  ? -5.01187  8.83495   3.31087   1.000 14.91416 ? 7   G   A OP1   1 
ATOM   135 O  OP2   . G   A 1 7  ? -3.07279  7.63297   2.14898   1.000 14.17259 ? 7   G   A OP2   1 
ATOM   136 O  "O5'" . G   A 1 7  ? -5.18253  7.85967   1.00099   1.000 14.05251 ? 7   G   A "O5'" 1 
ATOM   137 C  "C5'" . G   A 1 7  ? -6.54725  8.20087   0.91007   1.000 15.25364 ? 7   G   A "C5'" 1 
ATOM   138 C  "C4'" . G   A 1 7  ? -7.20406  7.58524   -0.30230  1.000 13.14658 ? 7   G   A "C4'" 1 
ATOM   139 O  "O4'" . G   A 1 7  ? -6.41188  7.80467   -1.50163  1.000 13.84517 ? 7   G   A "O4'" 1 
ATOM   140 C  "C3'" . G   A 1 7  ? -7.42396  6.08518   -0.31635  1.000 11.27599 ? 7   G   A "C3'" 1 
ATOM   141 O  "O3'" . G   A 1 7  ? -8.47443  5.66846   0.53689   1.000 11.78603 ? 7   G   A "O3'" 1 
ATOM   142 C  "C2'" . G   A 1 7  ? -7.72920  5.85686   -1.78815  1.000 10.50132 ? 7   G   A "C2'" 1 
ATOM   143 O  "O2'" . G   A 1 7  ? -9.01559  6.38053   -2.08763  1.000 11.59316 ? 7   G   A "O2'" 1 
ATOM   144 C  "C1'" . G   A 1 7  ? -6.70293  6.78172   -2.43791  1.000 13.34026 ? 7   G   A "C1'" 1 
ATOM   145 N  N9    . G   A 1 7  ? -5.46565  6.06529   -2.79368  1.000 10.88230 ? 7   G   A N9    1 
ATOM   146 C  C8    . G   A 1 7  ? -4.24536  6.10988   -2.15620  1.000 11.09922 ? 7   G   A C8    1 
ATOM   147 N  N7    . G   A 1 7  ? -3.35098  5.34578   -2.71759  1.000 13.25416 ? 7   G   A N7    1 
ATOM   148 C  C5    . G   A 1 7  ? -4.01941  4.75206   -3.78587  1.000 11.14634 ? 7   G   A C5    1 
ATOM   149 C  C6    . G   A 1 7  ? -3.55838  3.83225   -4.77141  1.000 7.88645  ? 7   G   A C6    1 
ATOM   150 O  O6    . G   A 1 7  ? -2.43127  3.33131   -4.89319  1.000 12.29934 ? 7   G   A O6    1 
ATOM   151 N  N1    . G   A 1 7  ? -4.56636  3.49567   -5.67801  1.000 10.33387 ? 7   G   A N1    1 
ATOM   152 C  C2    . G   A 1 7  ? -5.85038  3.97896   -5.63942  1.000 9.05949  ? 7   G   A C2    1 
ATOM   153 N  N2    . G   A 1 7  ? -6.68877  3.54268   -6.59351  1.000 10.10162 ? 7   G   A N2    1 
ATOM   154 N  N3    . G   A 1 7  ? -6.28212  4.84601   -4.73759  1.000 8.56346  ? 7   G   A N3    1 
ATOM   155 C  C4    . G   A 1 7  ? -5.31856  5.18979   -3.84929  1.000 9.22801  ? 7   G   A C4    1 
ATOM   156 P  P     . A   A 1 8  ? -8.56421  4.15027   1.06171   1.000 15.86484 ? 8   A   A P     1 
ATOM   157 O  OP1   . A   A 1 8  ? -9.63445  4.14229   2.09985   1.000 16.89462 ? 8   A   A OP1   1 
ATOM   158 O  OP2   . A   A 1 8  ? -7.20275  3.66384   1.39920   1.000 17.17005 ? 8   A   A OP2   1 
ATOM   159 O  "O5'" . A   A 1 8  ? -9.09737  3.32257   -0.18538  1.000 14.53172 ? 8   A   A "O5'" 1 
ATOM   160 C  "C5'" . A   A 1 8  ? -10.38652 3.56077   -0.72369  1.000 18.26658 ? 8   A   A "C5'" 1 
ATOM   161 C  "C4'" . A   A 1 8  ? -10.60694 2.74441   -1.96942  1.000 16.81663 ? 8   A   A "C4'" 1 
ATOM   162 O  "O4'" . A   A 1 8  ? -9.62308  3.10189   -2.97380  1.000 15.24438 ? 8   A   A "O4'" 1 
ATOM   163 C  "C3'" . A   A 1 8  ? -10.44122 1.24296   -1.80933  1.000 17.13797 ? 8   A   A "C3'" 1 
ATOM   164 O  "O3'" . A   A 1 8  ? -11.60422 0.62985   -1.28842  1.000 16.78557 ? 8   A   A "O3'" 1 
ATOM   165 C  "C2'" . A   A 1 8  ? -10.11107 0.79828   -3.22330  1.000 16.25325 ? 8   A   A "C2'" 1 
ATOM   166 O  "O2'" . A   A 1 8  ? -11.29088 0.78032   -4.01126  1.000 16.30148 ? 8   A   A "O2'" 1 
ATOM   167 C  "C1'" . A   A 1 8  ? -9.23903  1.95524   -3.69896  1.000 17.67842 ? 8   A   A "C1'" 1 
ATOM   168 N  N9    . A   A 1 8  ? -7.80598  1.72325   -3.44151  1.000 12.45328 ? 8   A   A N9    1 
ATOM   169 C  C8    . A   A 1 8  ? -7.05313  2.22994   -2.42264  1.000 11.48083 ? 8   A   A C8    1 
ATOM   170 N  N7    . A   A 1 8  ? -5.79777  1.87692   -2.46474  1.000 11.36632 ? 8   A   A N7    1 
ATOM   171 C  C5    . A   A 1 8  ? -5.71771  1.09473   -3.60215  1.000 10.98686 ? 8   A   A C5    1 
ATOM   172 C  C6    . A   A 1 8  ? -4.65372  0.40377   -4.20542  1.000 12.20095 ? 8   A   A C6    1 
ATOM   173 N  N6    . A   A 1 8  ? -3.40820  0.40704   -3.73993  1.000 12.74171 ? 8   A   A N6    1 
ATOM   174 N  N1    . A   A 1 8  ? -4.92385  -0.28603  -5.32851  1.000 13.51866 ? 8   A   A N1    1 
ATOM   175 C  C2    . A   A 1 8  ? -6.17112  -0.28130  -5.81128  1.000 13.77652 ? 8   A   A C2    1 
ATOM   176 N  N3    . A   A 1 8  ? -7.25954  0.32010   -5.33512  1.000 13.85543 ? 8   A   A N3    1 
ATOM   177 C  C4    . A   A 1 8  ? -6.95082  0.99410   -4.21606  1.000 10.55752 ? 8   A   A C4    1 
ATOM   178 P  P     . U   A 1 9  ? -11.48480 -0.60064  -0.27352  1.000 20.79318 ? 9   U   A P     1 
ATOM   179 O  OP1   . U   A 1 9  ? -12.83708 -0.79302  0.30902   1.000 18.84604 ? 9   U   A OP1   1 
ATOM   180 O  OP2   . U   A 1 9  ? -10.31042 -0.44130  0.62424   1.000 18.16904 ? 9   U   A OP2   1 
ATOM   181 O  "O5'" . U   A 1 9  ? -11.15878 -1.83382  -1.21838  1.000 16.55197 ? 9   U   A "O5'" 1 
ATOM   182 C  "C5'" . U   A 1 9  ? -12.00412 -2.16799  -2.30119  1.000 16.81526 ? 9   U   A "C5'" 1 
ATOM   183 C  "C4'" . U   A 1 9  ? -11.30901 -3.10581  -3.24462  1.000 16.73085 ? 9   U   A "C4'" 1 
ATOM   184 O  "O4'" . U   A 1 9  ? -10.22803 -2.41729  -3.93348  1.000 17.13021 ? 9   U   A "O4'" 1 
ATOM   185 C  "C3'" . U   A 1 9  ? -10.61632 -4.29288  -2.59829  1.000 17.46546 ? 9   U   A "C3'" 1 
ATOM   186 O  "O3'" . U   A 1 9  ? -11.51087 -5.32619  -2.23182  1.000 20.66383 ? 9   U   A "O3'" 1 
ATOM   187 C  "C2'" . U   A 1 9  ? -9.62770  -4.69672  -3.67273  1.000 17.75102 ? 9   U   A "C2'" 1 
ATOM   188 O  "O2'" . U   A 1 9  ? -10.31940 -5.34718  -4.72926  1.000 23.35524 ? 9   U   A "O2'" 1 
ATOM   189 C  "C1'" . U   A 1 9  ? -9.17036  -3.32610  -4.17695  1.000 17.69714 ? 9   U   A "C1'" 1 
ATOM   190 N  N1    . U   A 1 9  ? -7.95306  -2.85123  -3.47206  1.000 14.21095 ? 9   U   A N1    1 
ATOM   191 C  C2    . U   A 1 9  ? -6.72246  -3.29455  -3.93002  1.000 12.50055 ? 9   U   A C2    1 
ATOM   192 O  O2    . U   A 1 9  ? -6.59186  -4.04637  -4.88119  1.000 16.64467 ? 9   U   A O2    1 
ATOM   193 N  N3    . U   A 1 9  ? -5.63908  -2.82784  -3.24278  1.000 12.75677 ? 9   U   A N3    1 
ATOM   194 C  C4    . U   A 1 9  ? -5.64614  -1.98077  -2.16113  1.000 14.16306 ? 9   U   A C4    1 
ATOM   195 O  O4    . U   A 1 9  ? -4.57859  -1.65140  -1.64626  1.000 14.03739 ? 9   U   A O4    1 
ATOM   196 C  C5    . U   A 1 9  ? -6.94949  -1.57699  -1.73410  1.000 12.51478 ? 9   U   A C5    1 
ATOM   197 C  C6    . U   A 1 9  ? -8.02819  -2.01133  -2.38672  1.000 12.15995 ? 9   U   A C6    1 
ATOM   198 P  P     . C   A 1 10 ? -11.19196 -6.25978  -0.96554  1.000 22.33642 ? 10  C   A P     1 
ATOM   199 O  OP1   . C   A 1 10 ? -12.37106 -7.14716  -0.77110  1.000 26.28268 ? 10  C   A OP1   1 
ATOM   200 O  OP2   . C   A 1 10 ? -10.71653 -5.45038  0.17939   1.000 22.43107 ? 10  C   A OP2   1 
ATOM   201 O  "O5'" . C   A 1 10 ? -9.96840  -7.15800  -1.45111  1.000 22.31406 ? 10  C   A "O5'" 1 
ATOM   202 C  "C5'" . C   A 1 10 ? -10.12202 -8.08393  -2.51339  1.000 24.16234 ? 10  C   A "C5'" 1 
ATOM   203 C  "C4'" . C   A 1 10 ? -8.79175  -8.61744  -2.98653  1.000 18.21432 ? 10  C   A "C4'" 1 
ATOM   204 O  "O4'" . C   A 1 10 ? -7.96103  -7.52856  -3.48183  1.000 17.95659 ? 10  C   A "O4'" 1 
ATOM   205 C  "C3'" . C   A 1 10 ? -7.91061  -9.28530  -1.94325  1.000 17.79295 ? 10  C   A "C3'" 1 
ATOM   206 O  "O3'" . C   A 1 10 ? -8.32146  -10.60139 -1.58056  1.000 20.92593 ? 10  C   A "O3'" 1 
ATOM   207 C  "C2'" . C   A 1 10 ? -6.54189  -9.20996  -2.60639  1.000 18.97633 ? 10  C   A "C2'" 1 
ATOM   208 O  "O2'" . C   A 1 10 ? -6.44542  -10.13861 -3.67378  1.000 18.92367 ? 10  C   A "O2'" 1 
ATOM   209 C  "C1'" . C   A 1 10 ? -6.60141  -7.81690  -3.22573  1.000 18.70558 ? 10  C   A "C1'" 1 
ATOM   210 N  N1    . C   A 1 10 ? -6.05080  -6.80587  -2.30020  1.000 12.63076 ? 10  C   A N1    1 
ATOM   211 C  C2    . C   A 1 10 ? -4.65782  -6.69427  -2.27063  1.000 14.06380 ? 10  C   A C2    1 
ATOM   212 O  O2    . C   A 1 10 ? -3.98734  -7.43015  -3.01829  1.000 12.86995 ? 10  C   A O2    1 
ATOM   213 N  N3    . C   A 1 10 ? -4.07703  -5.79308  -1.43744  1.000 13.68063 ? 10  C   A N3    1 
ATOM   214 C  C4    . C   A 1 10 ? -4.83660  -5.04327  -0.65113  1.000 12.64441 ? 10  C   A C4    1 
ATOM   215 N  N4    . C   A 1 10 ? -4.20830  -4.17548  0.14718   1.000 12.77008 ? 10  C   A N4    1 
ATOM   216 C  C5    . C   A 1 10 ? -6.26148  -5.14287  -0.65541  1.000 12.55822 ? 10  C   A C5    1 
ATOM   217 C  C6    . C   A 1 10 ? -6.82919  -6.03403  -1.48514  1.000 14.01164 ? 10  C   A C6    1 
ATOM   218 P  P     . U   A 1 11 ? -8.03948  -11.15965 -0.09492  1.000 24.80968 ? 11  U   A P     1 
ATOM   219 O  OP1   . U   A 1 11 ? -8.72206  -12.47329 0.06596   1.000 25.56867 ? 11  U   A OP1   1 
ATOM   220 O  OP2   . U   A 1 11 ? -8.28575  -10.08606 0.89503   1.000 25.13651 ? 11  U   A OP2   1 
ATOM   221 O  "O5'" . U   A 1 11 ? -6.46900  -11.43393 -0.07462  1.000 21.18500 ? 11  U   A "O5'" 1 
ATOM   222 C  "C5'" . U   A 1 11 ? -5.87537  -12.26729 -1.04996  1.000 18.15649 ? 11  U   A "C5'" 1 
ATOM   223 C  "C4'" . U   A 1 11 ? -4.37580  -12.14029 -1.04288  1.000 17.82462 ? 11  U   A "C4'" 1 
ATOM   224 O  "O4'" . U   A 1 11 ? -3.97116  -10.78400 -1.37678  1.000 21.60030 ? 11  U   A "O4'" 1 
ATOM   225 C  "C3'" . U   A 1 11 ? -3.68727  -12.38818 0.28267   1.000 15.84182 ? 11  U   A "C3'" 1 
ATOM   226 O  "O3'" . U   A 1 11 ? -3.62797  -13.75919 0.62808   1.000 15.52057 ? 11  U   A "O3'" 1 
ATOM   227 C  "C2'" . U   A 1 11 ? -2.32755  -11.74288 0.04374   1.000 16.78321 ? 11  U   A "C2'" 1 
ATOM   228 O  "O2'" . U   A 1 11 ? -1.54342  -12.54973 -0.81910  1.000 18.44779 ? 11  U   A "O2'" 1 
ATOM   229 C  "C1'" . U   A 1 11 ? -2.73281  -10.49917 -0.74996  1.000 18.77629 ? 11  U   A "C1'" 1 
ATOM   230 N  N1    . U   A 1 11 ? -2.87243  -9.30270  0.10563   1.000 14.97201 ? 11  U   A N1    1 
ATOM   231 C  C2    . U   A 1 11 ? -1.69630  -8.67623  0.49682   1.000 11.61168 ? 11  U   A C2    1 
ATOM   232 O  O2    . U   A 1 11 ? -0.60009  -9.09736  0.18649   1.000 19.05134 ? 11  U   A O2    1 
ATOM   233 N  N3    . U   A 1 11 ? -1.85313  -7.56542  1.27637   1.000 13.37627 ? 11  U   A N3    1 
ATOM   234 C  C4    . U   A 1 11 ? -3.03796  -7.01147  1.70328   1.000 10.94764 ? 11  U   A C4    1 
ATOM   235 O  O4    . U   A 1 11 ? -3.01501  -6.00461  2.40893   1.000 18.05728 ? 11  U   A O4    1 
ATOM   236 C  C5    . U   A 1 11 ? -4.20575  -7.70854  1.25923   1.000 17.40715 ? 11  U   A C5    1 
ATOM   237 C  C6    . U   A 1 11 ? -4.08456  -8.79981  0.48931   1.000 12.27514 ? 11  U   A C6    1 
ATOM   238 P  P     . U   A 1 12 ? -3.62203  -14.21870 2.17448   1.000 19.21241 ? 12  U   A P     1 
ATOM   239 O  OP1   . U   A 1 12 ? -3.88199  -15.68236 2.15501   1.000 21.04802 ? 12  U   A OP1   1 
ATOM   240 O  OP2   . U   A 1 12 ? -4.45958  -13.32133 3.00580   1.000 21.59260 ? 12  U   A OP2   1 
ATOM   241 O  "O5'" . U   A 1 12 ? -2.11421  -14.01222 2.63340   1.000 16.29708 ? 12  U   A "O5'" 1 
ATOM   242 C  "C5'" . U   A 1 12 ? -1.06940  -14.74935 2.02594   1.000 15.21281 ? 12  U   A "C5'" 1 
ATOM   243 C  "C4'" . U   A 1 12 ? 0.25915   -14.33136 2.58048   1.000 12.26211 ? 12  U   A "C4'" 1 
ATOM   244 O  "O4'" . U   A 1 12 ? 0.56451   -12.97311 2.15699   1.000 11.98290 ? 12  U   A "O4'" 1 
ATOM   245 C  "C3'" . U   A 1 12 ? 0.33168   -14.25522 4.09069   1.000 12.32131 ? 12  U   A "C3'" 1 
ATOM   246 O  "O3'" . U   A 1 12 ? 0.50104   -15.51542 4.70107   1.000 13.45477 ? 12  U   A "O3'" 1 
ATOM   247 C  "C2'" . U   A 1 12 ? 1.49550   -13.30931 4.30729   1.000 15.77882 ? 12  U   A "C2'" 1 
ATOM   248 O  "O2'" . U   A 1 12 ? 2.72243   -13.97567 4.02715   1.000 10.86233 ? 12  U   A "O2'" 1 
ATOM   249 C  "C1'" . U   A 1 12 ? 1.24772   -12.30123 3.18978   1.000 14.10838 ? 12  U   A "C1'" 1 
ATOM   250 N  N1    . U   A 1 12 ? 0.42365   -11.14909 3.62532   1.000 8.57223  ? 12  U   A N1    1 
ATOM   251 C  C2    . U   A 1 12 ? 1.11238   -10.11315 4.21594   1.000 8.90060  ? 12  U   A C2    1 
ATOM   252 O  O2    . U   A 1 12 ? 2.30926   -10.14671 4.38975   1.000 12.14373 ? 12  U   A O2    1 
ATOM   253 N  N3    . U   A 1 12 ? 0.35839   -9.03074  4.59076   1.000 10.64703 ? 12  U   A N3    1 
ATOM   254 C  C4    . U   A 1 12 ? -1.01438  -8.90781  4.42858   1.000 9.68236  ? 12  U   A C4    1 
ATOM   255 O  O4    . U   A 1 12 ? -1.57577  -7.88308  4.81411   1.000 10.10387 ? 12  U   A O4    1 
ATOM   256 C  C5    . U   A 1 12 ? -1.66152  -10.02696 3.80846   1.000 11.36578 ? 12  U   A C5    1 
ATOM   257 C  C6    . U   A 1 12 ? -0.93814  -11.09321 3.43860   1.000 10.94021 ? 12  U   A C6    1 
ATOM   258 P  P     . C   A 1 13 ? -0.09994  -15.77808 6.15209   1.000 13.83030 ? 13  C   A P     1 
ATOM   259 O  OP1   . C   A 1 13 ? 0.10505   -17.22347 6.44466   1.000 15.64859 ? 13  C   A OP1   1 
ATOM   260 O  OP2   . C   A 1 13 ? -1.46227  -15.21049 6.26615   1.000 14.61746 ? 13  C   A OP2   1 
ATOM   261 O  "O5'" . C   A 1 13 ? 0.80503   -14.90408 7.12320   1.000 12.45757 ? 13  C   A "O5'" 1 
ATOM   262 C  "C5'" . C   A 1 13 ? 2.16651   -15.22843 7.34149   1.000 9.42297  ? 13  C   A "C5'" 1 
ATOM   263 C  "C4'" . C   A 1 13 ? 2.85570   -14.17213 8.16963   1.000 9.57052  ? 13  C   A "C4'" 1 
ATOM   264 O  "O4'" . C   A 1 13 ? 2.78922   -12.88839 7.49203   1.000 10.29697 ? 13  C   A "O4'" 1 
ATOM   265 C  "C3'" . C   A 1 13 ? 2.27394   -13.87650 9.54466   1.000 7.47566  ? 13  C   A "C3'" 1 
ATOM   266 O  "O3'" . C   A 1 13 ? 2.62898   -14.84937 10.52298  1.000 7.23387  ? 13  C   A "O3'" 1 
ATOM   267 C  "C2'" . C   A 1 13 ? 2.85088   -12.49384 9.83005   1.000 7.44779  ? 13  C   A "C2'" 1 
ATOM   268 O  "O2'" . C   A 1 13 ? 4.22860   -12.59143 10.13935  1.000 9.20926  ? 13  C   A "O2'" 1 
ATOM   269 C  "C1'" . C   A 1 13 ? 2.76809   -11.84901 8.45215   1.000 11.16219 ? 13  C   A "C1'" 1 
ATOM   270 N  N1    . C   A 1 13 ? 1.55147   -11.03181 8.27562   1.000 8.03303  ? 13  C   A N1    1 
ATOM   271 C  C2    . C   A 1 13 ? 1.56120   -9.75196  8.85590   1.000 6.64801  ? 13  C   A C2    1 
ATOM   272 O  O2    . C   A 1 13 ? 2.55557   -9.40566  9.50220   1.000 7.28428  ? 13  C   A O2    1 
ATOM   273 N  N3    . C   A 1 13 ? 0.47971   -8.95310  8.72345   1.000 9.74616  ? 13  C   A N3    1 
ATOM   274 C  C4    . C   A 1 13 ? -0.56634  -9.37363  8.02318   1.000 8.21389  ? 13  C   A C4    1 
ATOM   275 N  N4    . C   A 1 13 ? -1.60338  -8.54703  7.90919   1.000 7.26644  ? 13  C   A N4    1 
ATOM   276 C  C5    . C   A 1 13 ? -0.61064  -10.67063 7.42012   1.000 10.71500 ? 13  C   A C5    1 
ATOM   277 C  C6    . C   A 1 13 ? 0.46520   -11.46659 7.57308   1.000 8.13945  ? 13  C   A C6    1 
ATOM   278 P  P     . U   A 1 14 ? 1.69099   -15.12497 11.79552  1.000 6.82119  ? 14  U   A P     1 
ATOM   279 O  OP1   . U   A 1 14 ? 2.24633   -16.27639 12.55578  1.000 8.01297  ? 14  U   A OP1   1 
ATOM   280 O  OP2   . U   A 1 14 ? 0.28171   -15.18453 11.32264  1.000 9.88418  ? 14  U   A OP2   1 
ATOM   281 O  "O5'" . U   A 1 14 ? 1.84077   -13.81556 12.68748  1.000 7.40892  ? 14  U   A "O5'" 1 
ATOM   282 C  "C5'" . U   A 1 14 ? 3.03053   -13.59808 13.43026  1.000 6.63204  ? 14  U   A "C5'" 1 
ATOM   283 C  "C4'" . U   A 1 14 ? 3.03870   -12.23586 14.07526  1.000 6.40325  ? 14  U   A "C4'" 1 
ATOM   284 O  "O4'" . U   A 1 14 ? 2.83790   -11.20914 13.07099  1.000 6.16417  ? 14  U   A "O4'" 1 
ATOM   285 C  "C3'" . U   A 1 14 ? 1.95222   -11.94644 15.09962  1.000 5.68740  ? 14  U   A "C3'" 1 
ATOM   286 O  "O3'" . U   A 1 14 ? 2.22980   -12.51445 16.36291  1.000 5.12099  ? 14  U   A "O3'" 1 
ATOM   287 C  "C2'" . U   A 1 14 ? 1.96101   -10.43228 15.12128  1.000 5.50059  ? 14  U   A "C2'" 1 
ATOM   288 O  "O2'" . U   A 1 14 ? 3.14546   -9.97170  15.77188  1.000 5.34199  ? 14  U   A "O2'" 1 
ATOM   289 C  "C1'" . U   A 1 14 ? 2.12556   -10.12782 13.64150  1.000 5.95557  ? 14  U   A "C1'" 1 
ATOM   290 N  N1    . U   A 1 14 ? 0.84257   -9.96160  12.91292  1.000 4.52626  ? 14  U   A N1    1 
ATOM   291 C  C2    . U   A 1 14 ? 0.20399   -8.73914  13.01898  1.000 3.76551  ? 14  U   A C2    1 
ATOM   292 O  O2    . U   A 1 14 ? 0.61094   -7.82956  13.71860  1.000 4.13642  ? 14  U   A O2    1 
ATOM   293 N  N3    . U   A 1 14 ? -0.94421  -8.61953  12.27734  1.000 5.70359  ? 14  U   A N3    1 
ATOM   294 C  C4    . U   A 1 14 ? -1.49671  -9.56051  11.44895  1.000 7.57644  ? 14  U   A C4    1 
ATOM   295 O  O4    . U   A 1 14 ? -2.54059  -9.28864  10.86171  1.000 7.91804  ? 14  U   A O4    1 
ATOM   296 C  C5    . U   A 1 14 ? -0.78029  -10.80123 11.38004  1.000 6.22982  ? 14  U   A C5    1 
ATOM   297 C  C6    . U   A 1 14 ? 0.34426   -10.94874 12.09077  1.000 5.02982  ? 14  U   A C6    1 
ATOM   298 P  P     . C   A 1 15 ? 1.07455   -12.85730 17.42659  1.000 9.67188  ? 15  C   A P     1 
ATOM   299 O  OP1   . C   A 1 15 ? 1.73951   -13.64924 18.49257  1.000 13.10399 ? 15  C   A OP1   1 
ATOM   300 O  OP2   . C   A 1 15 ? -0.10910  -13.42116 16.69399  1.000 10.18699 ? 15  C   A OP2   1 
ATOM   301 O  "O5'" . C   A 1 15 ? 0.64230   -11.44903 18.04186  1.000 8.49520  ? 15  C   A "O5'" 1 
ATOM   302 C  "C5'" . C   A 1 15 ? 1.54345   -10.65143 18.79780  1.000 7.64833  ? 15  C   A "C5'" 1 
ATOM   303 C  "C4'" . C   A 1 15 ? 1.01551   -9.25046  18.96164  1.000 7.22155  ? 15  C   A "C4'" 1 
ATOM   304 O  "O4'" . C   A 1 15 ? 0.79585   -8.65296  17.65758  1.000 6.25389  ? 15  C   A "O4'" 1 
ATOM   305 C  "C3'" . C   A 1 15 ? -0.33630  -9.13799  19.63987  1.000 7.73304  ? 15  C   A "C3'" 1 
ATOM   306 O  "O3'" . C   A 1 15 ? -0.24817  -9.24041  21.05392  1.000 9.70079  ? 15  C   A "O3'" 1 
ATOM   307 C  "C2'" . C   A 1 15 ? -0.82801  -7.78790  19.14693  1.000 8.22555  ? 15  C   A "C2'" 1 
ATOM   308 O  "O2'" . C   A 1 15 ? -0.11179  -6.74235  19.80185  1.000 10.46241 ? 15  C   A "O2'" 1 
ATOM   309 C  "C1'" . C   A 1 15 ? -0.34148  -7.81828  17.70185  1.000 7.67542  ? 15  C   A "C1'" 1 
ATOM   310 N  N1    . C   A 1 15 ? -1.32841  -8.34007  16.72550  1.000 5.76643  ? 15  C   A N1    1 
ATOM   311 C  C2    . C   A 1 15 ? -2.34012  -7.49093  16.27001  1.000 4.79743  ? 15  C   A C2    1 
ATOM   312 O  O2    . C   A 1 15 ? -2.41008  -6.34492  16.71795  1.000 6.20984  ? 15  C   A O2    1 
ATOM   313 N  N3    . C   A 1 15 ? -3.20500  -7.93132  15.32369  1.000 3.76965  ? 15  C   A N3    1 
ATOM   314 C  C4    . C   A 1 15 ? -3.10413  -9.17148  14.85713  1.000 6.04109  ? 15  C   A C4    1 
ATOM   315 N  N4    . C   A 1 15 ? -3.99340  -9.56120  13.93942  1.000 6.26930  ? 15  C   A N4    1 
ATOM   316 C  C5    . C   A 1 15 ? -2.09093  -10.07330 15.29700  1.000 6.39923  ? 15  C   A C5    1 
ATOM   317 C  C6    . C   A 1 15 ? -1.22853  -9.60841  16.21926  1.000 4.94213  ? 15  C   A C6    1 
ATOM   318 P  P     . U   A 1 16 ? -1.42523  -9.94434  21.87596  1.000 11.76284 ? 16  U   A P     1 
ATOM   319 O  OP1   . U   A 1 16 ? -1.01074  -9.87651  23.30494  1.000 12.75729 ? 16  U   A OP1   1 
ATOM   320 O  OP2   . U   A 1 16 ? -1.75437  -11.26057 21.27098  1.000 11.14878 ? 16  U   A OP2   1 
ATOM   321 O  "O5'" . U   A 1 16 ? -2.66448  -8.96451  21.66428  1.000 10.92904 ? 16  U   A "O5'" 1 
ATOM   322 C  "C5'" . U   A 1 16 ? -2.67100  -7.67152  22.25090  1.000 7.09799  ? 16  U   A "C5'" 1 
ATOM   323 C  "C4'" . U   A 1 16 ? -3.87326  -6.87338  21.81407  1.000 7.75308  ? 16  U   A "C4'" 1 
ATOM   324 O  "O4'" . U   A 1 16 ? -3.83161  -6.66344  20.37565  1.000 6.96592  ? 16  U   A "O4'" 1 
ATOM   325 C  "C3'" . U   A 1 16 ? -5.23732  -7.50728  22.05046  1.000 7.66762  ? 16  U   A "C3'" 1 
ATOM   326 O  "O3'" . U   A 1 16 ? -5.69859  -7.36763  23.38950  1.000 9.38607  ? 16  U   A "O3'" 1 
ATOM   327 C  "C2'" . U   A 1 16 ? -6.10823  -6.78117  21.04128  1.000 6.83339  ? 16  U   A "C2'" 1 
ATOM   328 O  "O2'" . U   A 1 16 ? -6.41481  -5.47720  21.51586  1.000 9.35877  ? 16  U   A "O2'" 1 
ATOM   329 C  "C1'" . U   A 1 16 ? -5.14449  -6.64444  19.85901  1.000 4.90122  ? 16  U   A "C1'" 1 
ATOM   330 N  N1    . U   A 1 16 ? -5.28767  -7.75952  18.89803  1.000 4.01903  ? 16  U   A N1    1 
ATOM   331 C  C2    . U   A 1 16 ? -6.27988  -7.60991  17.94013  1.000 4.93249  ? 16  U   A C2    1 
ATOM   332 O  O2    . U   A 1 16 ? -6.99629  -6.62657  17.87187  1.000 6.65878  ? 16  U   A O2    1 
ATOM   333 N  N3    . U   A 1 16 ? -6.37808  -8.63955  17.04959  1.000 4.77455  ? 16  U   A N3    1 
ATOM   334 C  C4    . U   A 1 16 ? -5.63608  -9.79389  17.03362  1.000 8.33587  ? 16  U   A C4    1 
ATOM   335 O  O4    . U   A 1 16 ? -5.88473  -10.61468 16.16093  1.000 6.70770  ? 16  U   A O4    1 
ATOM   336 C  C5    . U   A 1 16 ? -4.63762  -9.90178  18.06182  1.000 5.49051  ? 16  U   A C5    1 
ATOM   337 C  C6    . U   A 1 16 ? -4.49645  -8.89488  18.94774  1.000 6.05381  ? 16  U   A C6    1 
HETATM 338 MG MG    . MG  B 2 .  ? 5.32934   5.93364   -9.38535  1.000 15.84206 ? 101 MG  A MG    1 
HETATM 339 MG MG    . MG  C 2 .  ? 1.87645   6.53493   -2.02581  1.000 30.60425 ? 102 MG  A MG    1 
HETATM 340 O  O     . HOH D 3 .  ? -5.45867  10.45810  -3.95154  1.000 23.56321 ? 201 HOH A O     1 
HETATM 341 O  O     . HOH D 3 .  ? 8.35904   0.53078   -11.25706 1.000 25.87893 ? 202 HOH A O     1 
HETATM 342 O  O     . HOH D 3 .  ? 0.97371   -18.27852 13.31585  1.000 18.02315 ? 203 HOH A O     1 
HETATM 343 O  O     . HOH D 3 .  ? 7.13729   5.08094   -7.82451  1.000 27.39638 ? 204 HOH A O     1 
HETATM 344 O  O     . HOH D 3 .  ? 5.10260   6.79103   -14.06184 1.000 18.83218 ? 205 HOH A O     1 
HETATM 345 O  O     . HOH D 3 .  ? 6.20048   7.32902   -6.69609  1.000 22.51537 ? 206 HOH A O     1 
HETATM 346 O  O     . HOH D 3 .  ? -1.42433  6.43319   0.58625   1.000 28.70563 ? 207 HOH A O     1 
HETATM 347 O  O     . HOH D 3 .  ? -4.13631  -10.89423 9.64716   1.000 18.33616 ? 208 HOH A O     1 
HETATM 348 O  O     . HOH D 3 .  ? 11.35385  7.27365   -16.76431 1.000 19.20888 ? 209 HOH A O     1 
HETATM 349 O  O     . HOH D 3 .  ? 3.55931   7.62628   -8.46460  1.000 17.72134 ? 210 HOH A O     1 
HETATM 350 O  O     . HOH D 3 .  ? -2.86353  -13.03908 6.04536   1.000 23.40839 ? 211 HOH A O     1 
HETATM 351 O  O     . HOH D 3 .  ? 9.68348   5.88833   -0.90524  1.000 24.29710 ? 212 HOH A O     1 
HETATM 352 O  O     . HOH D 3 .  ? 1.22456   -9.69995  24.61116  1.000 26.09008 ? 213 HOH A O     1 
HETATM 353 O  O     . HOH D 3 .  ? -0.11672  3.09782   -3.68538  1.000 26.63577 ? 214 HOH A O     1 
HETATM 354 O  O     . HOH D 3 .  ? 6.99124   4.84059   -11.05266 1.000 22.59427 ? 215 HOH A O     1 
HETATM 355 O  O     . HOH D 3 .  ? -4.92220  -13.08842 15.82661  1.000 14.74179 ? 216 HOH A O     1 
HETATM 356 O  O     . HOH D 3 .  ? -4.64717  7.94970   5.84442   1.000 20.39511 ? 217 HOH A O     1 
HETATM 357 O  O     . HOH D 3 .  ? 9.63322   1.28278   -17.08749 1.000 17.38363 ? 218 HOH A O     1 
HETATM 358 O  O     . HOH D 3 .  ? 9.90885   12.82545  -7.69980  1.000 13.57039 ? 219 HOH A O     1 
HETATM 359 O  O     . HOH D 3 .  ? -4.07304  -0.09780  0.53689   1.000 22.77132 ? 220 HOH A O     1 
HETATM 360 O  O     . HOH D 3 .  ? -7.47019  9.93871   3.75760   0.330 9.27040  ? 221 HOH A O     1 
HETATM 361 O  O     . HOH D 3 .  ? 3.65203   8.00220   -1.24243  1.000 22.87135 ? 222 HOH A O     1 
HETATM 362 O  O     . HOH D 3 .  ? 5.15178   -14.04017 5.28925   1.000 20.60330 ? 223 HOH A O     1 
HETATM 363 O  O     . HOH D 3 .  ? 2.37040   -5.90190  18.99528  1.000 20.57583 ? 224 HOH A O     1 
HETATM 364 O  O     . HOH D 3 .  ? 0.87153   14.44016  2.00649   1.000 21.79011 ? 225 HOH A O     1 
HETATM 365 O  O     . HOH D 3 .  ? -7.73026  0.45604   1.14442   1.000 21.91797 ? 226 HOH A O     1 
HETATM 366 O  O     . HOH D 3 .  ? -6.00604  -2.81336  1.77573   1.000 25.02900 ? 227 HOH A O     1 
HETATM 367 O  O     . HOH D 3 .  ? 12.71888  9.54630   -11.67901 1.000 18.92903 ? 228 HOH A O     1 
HETATM 368 O  O     . HOH D 3 .  ? -9.08647  -4.92090  18.56379  1.000 16.81385 ? 229 HOH A O     1 
HETATM 369 O  O     . HOH D 3 .  ? -15.01821 0.40410   -0.95407  1.000 28.85528 ? 230 HOH A O     1 
HETATM 370 O  O     . HOH D 3 .  ? 8.29424   14.04559  -0.07312  1.000 25.52010 ? 231 HOH A O     1 
HETATM 371 O  O     . HOH D 3 .  ? -0.74617  4.70197   -1.92262  1.000 23.80488 ? 232 HOH A O     1 
HETATM 372 O  O     . HOH D 3 .  ? -1.54380  -13.76632 9.73471   1.000 23.15911 ? 233 HOH A O     1 
HETATM 373 O  O     . HOH D 3 .  ? 3.72153   9.40948   -14.33478 1.000 13.40899 ? 234 HOH A O     1 
HETATM 374 O  O     . HOH D 3 .  ? 4.78019   -16.54401 13.75749  0.330 10.83965 ? 235 HOH A O     1 
HETATM 375 O  O     . HOH D 3 .  ? 5.63194   -14.63864 11.48037  0.330 7.45220  ? 236 HOH A O     1 
HETATM 376 O  O     . HOH D 3 .  ? 3.57352   7.21670   -5.03404  1.000 17.73368 ? 237 HOH A O     1 
HETATM 377 O  O     . HOH D 3 .  ? -0.61565  -17.66891 10.26613  1.000 11.99113 ? 238 HOH A O     1 
HETATM 378 O  O     . HOH D 3 .  ? -6.52722  11.88228  1.25940   0.330 12.65361 ? 239 HOH A O     1 
HETATM 379 O  O     . HOH D 3 .  ? -1.11529  8.08948   4.24631   1.000 18.79923 ? 240 HOH A O     1 
HETATM 380 O  O     . HOH D 3 .  ? 6.53599   -0.14766  -15.34525 1.000 18.81219 ? 241 HOH A O     1 
HETATM 381 O  O     . HOH D 3 .  ? -1.83845  1.68798   -1.65537  1.000 28.19430 ? 242 HOH A O     1 
HETATM 382 O  O     . HOH D 3 .  ? 4.65443   6.56049   -10.83271 1.000 15.97036 ? 243 HOH A O     1 
HETATM 383 O  O     . HOH D 3 .  ? -3.71668  -12.35831 12.95321  1.000 14.37239 ? 244 HOH A O     1 
HETATM 384 O  O     . HOH D 3 .  ? -2.48082  -12.50986 18.62000  1.000 19.53366 ? 245 HOH A O     1 
HETATM 385 O  O     . HOH D 3 .  ? 1.06384   6.43065   0.37700   1.000 32.07401 ? 246 HOH A O     1 
HETATM 386 O  O     . HOH D 3 .  ? 6.19735   15.83621  -6.24306  1.000 22.91792 ? 247 HOH A O     1 
HETATM 387 O  O     . HOH D 3 .  ? -4.00580  -9.99317  6.60837   1.000 15.30549 ? 248 HOH A O     1 
HETATM 388 O  O     . HOH D 3 .  ? -9.31007  5.18701   -6.42095  1.000 26.38595 ? 249 HOH A O     1 
HETATM 389 O  O     . HOH D 3 .  ? 3.65756   9.36844   4.67236   1.000 33.03310 ? 250 HOH A O     1 
HETATM 390 O  O     . HOH D 3 .  ? 4.09970   5.62617   -2.61168  1.000 26.87536 ? 251 HOH A O     1 
HETATM 391 O  O     . HOH D 3 .  ? -5.10302  14.83503  -2.53200  0.330 25.97057 ? 252 HOH A O     1 
HETATM 392 O  O     . HOH D 3 .  ? 4.56580   5.65477   -7.05574  1.000 20.28826 ? 253 HOH A O     1 
HETATM 393 O  O     . HOH D 3 .  ? 1.57991   4.08988   -2.23382  1.000 18.65037 ? 254 HOH A O     1 
HETATM 394 O  O     . HOH D 3 .  ? 4.12178   -0.61536  -13.99365 1.000 18.15420 ? 255 HOH A O     1 
HETATM 395 O  O     . HOH D 3 .  ? 2.79979   5.11808   -0.74300  1.000 27.14523 ? 256 HOH A O     1 
HETATM 396 O  O     . HOH D 3 .  ? 3.27295   5.58705   -9.52989  1.000 20.95526 ? 257 HOH A O     1 
HETATM 397 O  O     . HOH D 3 .  ? 13.29707  3.48257   -4.13191  1.000 17.80148 ? 258 HOH A O     1 
HETATM 398 O  O     . HOH D 3 .  ? 0.96565   9.00229   -16.25091 1.000 37.89385 ? 259 HOH A O     1 
HETATM 399 O  O     . HOH D 3 .  ? -14.76767 4.31316   -3.49685  1.000 29.67978 ? 260 HOH A O     1 
# 
